data_8H0Q
#
_entry.id   8H0Q
#
loop_
_entity.id
_entity.type
_entity.pdbx_description
1 polymer 'Gastrin-releasing peptide receptor'
2 polymer GRP
3 polymer 'G-alpha q'
4 polymer 'Guanine nucleotide-binding protein G(I)/G(S)/G(T) subunit beta-1'
5 polymer scFv16
6 polymer 'Guanine nucleotide-binding protein G(I)/G(S)/G(O) subunit gamma-2'
7 non-polymer CHOLESTEROL
#
loop_
_entity_poly.entity_id
_entity_poly.type
_entity_poly.pdbx_seq_one_letter_code
_entity_poly.pdbx_strand_id
1 'polypeptide(L)'
;MALNDCFLLNLEVDHFMHCNISSHSADLPVNDDWSHPGILYVIPAVYGVIILIGLIGNITLIKIFCTVKSMRNVPNLFIS
SLALGDLLLLITCAPVDASRYLADRWLFGRIGCKLIPFIQLTSVGVSVFTQTALSADRYKAIVRPMDIQASHALMKICLK
AAFIWIISMLLAIPEAVFSDLHPFHEESTNQTFISCAPYPHSNELHPKIHSMASFLVFYVIPLSIISVYYYFIAKNLIQS
AYNLPVEGNIHVKKQIESRKRLAKTVLVFVGLFAFCWLPNHVIYLYRSYHYSEVDTSMLHFVTSICARLLAFTNSCVNPF
ALYLLSKSFRKQFNTQLLCCQPGLIIRSHSTGRSTTCMTSLKSTNPSVATFSLINGNICHERYV
;
R
2 'polypeptide(L)' NHWAVGHLM L
3 'polypeptide(L)'
;MGCTLSAEDKAAVERSKMIEKQLQKDKQVYRRTLRLLLLGADNSGKSTIVKQMRIYHVNGYSEEECKQYKAVVYSNTIQS
IIAIIRAMGRLKIDFGDSARADDARQLFVLAGAAEEGFMTAELAGVIKRLWKDSGVQACFNRSREYQLNDSAAYYLNDLD
RIAQPNYIPTQQDVLRTRVKTSGIFETKFQVDKVNFHMFDVGAQRDERRKWIQCFNDVTAIIFVVDSSDYNRLQEALNDF
KSIWNNRWLRTISVILFLNKQDLLAEKVLAGKSKIEDYFPEFARYTTPEDATPEPGEDPRVTRAKYFIRKEFVDISTASG
DGRHICYPHFTCSVDTENARRIFNDCKDIILQMNLREYNLV
;
A
4 'polypeptide(L)'
;MLLQSELDQLRQEAEQLKNQIRDARKACADATLSQITNNIDPVGRIQMRTRRTLRGHLAKIYAMHWGTDSRLLVSASQDG
KLIIWDSYTTNKVHAIPLRSSWVMTCAYAPSGNYVACGGLDNICSIYNLKTREGNVRVSRELAGHTGYLSCCRFLDDNQI
VTSSGDTTCALWDIETGQQTTTFTGHTGDVMSLSLAPDTRLFVSGACDASAKLWDVREGMCRQTFTGHESDINAICFFPN
GNAFATGSDDATCRLFDLRADQELMTYSHDNIICGITSVSFSKSGRLLLAGYDDFNCNVWDALKADRAGVLAGHDNRVSC
LGVTDDGMAVATGSWDSFLKIWN
;
B
5 'polypeptide(L)'
;VQLVESGGGLVQPGGSRKLSCSASGFAFSSFGMHWVRQAPEKGLEWVAYISSGSGTIYYADTVKGRFTISRDDPKNTLFL
QMTSLRSEDTAMYYCVRSIYYYGSSPFDFWGQGTTLTVSAGGGGSGGGGSGGGGSADIVMTQATSSVPVTPGESVSISCR
SSKSLLHSNGNTYLYWFLQRPGQSPQLLIYRMSNLASGVPDRFSGSGSGTAFTLTISRLEAEDVGVYYCMQHLEYPLTFG
AGTKLEL
;
E
6 'polypeptide(L)' MASNNTASIAQARKLVEQLKMEANIDRIKVSKAAADLMAYCEAHAKEDPLLTPVPASENPFREKKFFCAIL G
#
loop_
_chem_comp.id
_chem_comp.type
_chem_comp.name
_chem_comp.formula
CLR non-polymer CHOLESTEROL 'C27 H46 O'
#
# COMPACT_ATOMS: atom_id res chain seq x y z
N VAL A 42 11.55 52.75 -18.05
CA VAL A 42 10.50 53.03 -19.03
C VAL A 42 9.46 51.90 -18.97
N ILE A 43 8.27 52.17 -19.52
CA ILE A 43 7.18 51.21 -19.42
C ILE A 43 7.47 49.91 -20.18
N PRO A 44 7.85 49.93 -21.47
CA PRO A 44 8.05 48.65 -22.18
C PRO A 44 9.16 47.80 -21.59
N ALA A 45 10.23 48.40 -21.08
CA ALA A 45 11.32 47.62 -20.50
C ALA A 45 10.85 46.83 -19.30
N VAL A 46 10.23 47.50 -18.32
CA VAL A 46 9.77 46.79 -17.13
C VAL A 46 8.63 45.84 -17.48
N TYR A 47 7.82 46.17 -18.48
CA TYR A 47 6.77 45.26 -18.92
C TYR A 47 7.36 43.96 -19.44
N GLY A 48 8.33 44.06 -20.35
CA GLY A 48 8.99 42.86 -20.84
C GLY A 48 9.71 42.09 -19.74
N VAL A 49 10.30 42.81 -18.79
CA VAL A 49 11.01 42.17 -17.69
C VAL A 49 10.05 41.34 -16.85
N ILE A 50 8.92 41.93 -16.44
CA ILE A 50 7.99 41.20 -15.60
C ILE A 50 7.32 40.07 -16.38
N ILE A 51 7.08 40.27 -17.68
CA ILE A 51 6.50 39.21 -18.49
C ILE A 51 7.44 38.02 -18.57
N LEU A 52 8.72 38.29 -18.81
CA LEU A 52 9.71 37.21 -18.87
C LEU A 52 9.87 36.53 -17.52
N ILE A 53 9.80 37.30 -16.44
CA ILE A 53 9.93 36.71 -15.10
C ILE A 53 8.76 35.76 -14.84
N GLY A 54 7.54 36.21 -15.11
CA GLY A 54 6.39 35.34 -14.93
C GLY A 54 6.45 34.12 -15.83
N LEU A 55 6.89 34.29 -17.07
CA LEU A 55 6.99 33.18 -18.00
C LEU A 55 7.97 32.12 -17.50
N ILE A 56 9.17 32.56 -17.11
CA ILE A 56 10.18 31.60 -16.65
C ILE A 56 9.75 30.97 -15.33
N GLY A 57 9.06 31.70 -14.47
CA GLY A 57 8.57 31.10 -13.24
C GLY A 57 7.54 30.03 -13.49
N ASN A 58 6.58 30.30 -14.38
CA ASN A 58 5.58 29.30 -14.71
C ASN A 58 6.21 28.08 -15.38
N ILE A 59 7.17 28.31 -16.28
CA ILE A 59 7.85 27.20 -16.95
C ILE A 59 8.62 26.35 -15.95
N THR A 60 9.31 27.00 -15.00
CA THR A 60 10.05 26.26 -13.99
C THR A 60 9.11 25.45 -13.10
N LEU A 61 7.98 26.04 -12.71
CA LEU A 61 7.04 25.31 -11.87
C LEU A 61 6.44 24.11 -12.60
N ILE A 62 6.08 24.29 -13.88
CA ILE A 62 5.55 23.18 -14.66
C ILE A 62 6.59 22.08 -14.83
N LYS A 63 7.84 22.47 -15.10
CA LYS A 63 8.90 21.48 -15.28
C LYS A 63 9.18 20.73 -13.98
N ILE A 64 9.11 21.42 -12.83
CA ILE A 64 9.30 20.75 -11.56
C ILE A 64 8.16 19.77 -11.29
N PHE A 65 6.92 20.18 -11.58
CA PHE A 65 5.78 19.30 -11.34
C PHE A 65 5.78 18.11 -12.28
N CYS A 66 6.37 18.26 -13.48
CA CYS A 66 6.30 17.19 -14.48
C CYS A 66 7.49 16.23 -14.41
N THR A 67 8.71 16.76 -14.36
CA THR A 67 9.89 15.94 -14.51
C THR A 67 10.35 15.26 -13.23
N VAL A 68 10.11 15.88 -12.07
CA VAL A 68 10.57 15.29 -10.81
C VAL A 68 9.82 14.01 -10.50
N LYS A 69 8.52 13.98 -10.77
CA LYS A 69 7.66 12.81 -10.64
C LYS A 69 7.54 12.30 -9.22
N SER A 70 8.00 13.07 -8.23
CA SER A 70 7.88 12.69 -6.83
C SER A 70 6.93 13.59 -6.04
N MET A 71 7.00 14.89 -6.23
CA MET A 71 6.12 15.84 -5.54
C MET A 71 4.85 16.10 -6.34
N ARG A 72 4.16 15.02 -6.70
CA ARG A 72 2.90 15.09 -7.43
C ARG A 72 1.72 14.66 -6.56
N ASN A 73 1.76 15.00 -5.28
CA ASN A 73 0.72 14.59 -4.34
C ASN A 73 -0.49 15.52 -4.46
N VAL A 74 -1.41 15.41 -3.50
CA VAL A 74 -2.63 16.23 -3.54
C VAL A 74 -2.32 17.71 -3.36
N PRO A 75 -1.52 18.14 -2.38
CA PRO A 75 -1.31 19.59 -2.20
C PRO A 75 -0.68 20.27 -3.40
N ASN A 76 0.15 19.56 -4.18
CA ASN A 76 0.83 20.17 -5.30
C ASN A 76 -0.03 20.28 -6.55
N LEU A 77 -1.19 19.63 -6.58
CA LEU A 77 -2.05 19.69 -7.76
C LEU A 77 -2.61 21.10 -7.95
N PHE A 78 -3.01 21.76 -6.87
CA PHE A 78 -3.49 23.13 -6.98
C PHE A 78 -2.38 24.07 -7.44
N ILE A 79 -1.16 23.86 -6.95
CA ILE A 79 -0.04 24.69 -7.38
C ILE A 79 0.25 24.48 -8.87
N SER A 80 0.19 23.23 -9.32
CA SER A 80 0.41 22.96 -10.74
C SER A 80 -0.69 23.58 -11.60
N SER A 81 -1.95 23.50 -11.13
CA SER A 81 -3.04 24.13 -11.87
C SER A 81 -2.88 25.64 -11.94
N LEU A 82 -2.45 26.26 -10.84
CA LEU A 82 -2.22 27.69 -10.84
C LEU A 82 -1.08 28.07 -11.77
N ALA A 83 -0.01 27.28 -11.78
CA ALA A 83 1.11 27.56 -12.68
C ALA A 83 0.68 27.43 -14.14
N LEU A 84 -0.08 26.39 -14.46
CA LEU A 84 -0.56 26.23 -15.84
C LEU A 84 -1.49 27.37 -16.24
N GLY A 85 -2.38 27.78 -15.33
CA GLY A 85 -3.27 28.88 -15.63
C GLY A 85 -2.53 30.18 -15.86
N ASP A 86 -1.51 30.46 -15.03
CA ASP A 86 -0.72 31.67 -15.21
C ASP A 86 0.08 31.62 -16.51
N LEU A 87 0.65 30.46 -16.85
CA LEU A 87 1.37 30.32 -18.09
C LEU A 87 0.46 30.56 -19.29
N LEU A 88 -0.74 29.97 -19.27
CA LEU A 88 -1.69 30.19 -20.35
C LEU A 88 -2.11 31.65 -20.44
N LEU A 89 -2.39 32.27 -19.28
CA LEU A 89 -2.78 33.67 -19.27
C LEU A 89 -1.70 34.55 -19.89
N LEU A 90 -0.44 34.34 -19.50
CA LEU A 90 0.65 35.14 -20.05
C LEU A 90 0.80 34.91 -21.54
N ILE A 91 0.84 33.64 -21.97
CA ILE A 91 1.08 33.34 -23.37
C ILE A 91 -0.10 33.77 -24.25
N THR A 92 -1.29 33.98 -23.67
CA THR A 92 -2.43 34.43 -24.45
C THR A 92 -2.72 35.92 -24.31
N CYS A 93 -2.10 36.60 -23.36
CA CYS A 93 -2.34 38.03 -23.16
C CYS A 93 -1.17 38.90 -23.58
N ALA A 94 0.07 38.47 -23.37
CA ALA A 94 1.20 39.33 -23.72
C ALA A 94 1.30 39.62 -25.22
N PRO A 95 1.29 38.63 -26.12
CA PRO A 95 1.37 38.97 -27.55
C PRO A 95 0.14 39.72 -28.05
N VAL A 96 -1.04 39.38 -27.56
CA VAL A 96 -2.26 40.09 -27.99
C VAL A 96 -2.20 41.54 -27.54
N ASP A 97 -1.81 41.79 -26.30
CA ASP A 97 -1.69 43.17 -25.81
C ASP A 97 -0.63 43.93 -26.56
N ALA A 98 0.50 43.28 -26.88
CA ALA A 98 1.56 43.93 -27.63
C ALA A 98 1.09 44.30 -29.04
N SER A 99 0.38 43.38 -29.71
CA SER A 99 -0.13 43.67 -31.04
C SER A 99 -1.25 44.70 -31.03
N ARG A 100 -1.97 44.82 -29.93
CA ARG A 100 -3.04 45.83 -29.85
C ARG A 100 -2.48 47.22 -29.56
N TYR A 101 -1.51 47.33 -28.64
CA TYR A 101 -0.99 48.64 -28.28
C TYR A 101 0.11 49.12 -29.22
N LEU A 102 1.09 48.26 -29.53
CA LEU A 102 2.20 48.68 -30.39
C LEU A 102 1.76 48.72 -31.85
N ALA A 103 1.32 47.59 -32.39
CA ALA A 103 0.92 47.54 -33.78
C ALA A 103 -0.42 48.24 -33.98
N ASP A 104 -0.48 49.10 -34.99
CA ASP A 104 -1.69 49.86 -35.29
C ASP A 104 -2.69 49.08 -36.14
N ARG A 105 -2.39 47.84 -36.50
CA ARG A 105 -3.27 47.02 -37.31
C ARG A 105 -3.38 45.63 -36.71
N TRP A 106 -4.60 45.11 -36.63
CA TRP A 106 -4.85 43.79 -36.07
C TRP A 106 -4.45 42.74 -37.10
N LEU A 107 -3.45 41.91 -36.76
CA LEU A 107 -2.94 40.93 -37.70
C LEU A 107 -3.88 39.75 -37.89
N PHE A 108 -4.86 39.57 -37.00
CA PHE A 108 -5.78 38.46 -37.10
C PHE A 108 -7.04 38.87 -37.86
N GLY A 109 -7.64 37.89 -38.53
CA GLY A 109 -8.81 38.13 -39.36
C GLY A 109 -10.10 38.17 -38.57
N ARG A 110 -11.19 37.79 -39.24
CA ARG A 110 -12.50 37.82 -38.60
C ARG A 110 -12.59 36.79 -37.48
N ILE A 111 -12.10 35.57 -37.72
CA ILE A 111 -12.15 34.53 -36.70
C ILE A 111 -11.16 34.81 -35.57
N GLY A 112 -10.20 35.72 -35.79
CA GLY A 112 -9.22 36.01 -34.76
C GLY A 112 -9.83 36.58 -33.49
N CYS A 113 -10.99 37.20 -33.60
CA CYS A 113 -11.70 37.74 -32.45
C CYS A 113 -12.65 36.73 -31.81
N LYS A 114 -12.53 35.46 -32.17
CA LYS A 114 -13.44 34.43 -31.67
C LYS A 114 -12.76 33.46 -30.72
N LEU A 115 -11.66 32.83 -31.15
CA LEU A 115 -10.99 31.83 -30.33
C LEU A 115 -9.90 32.42 -29.45
N ILE A 116 -9.28 33.52 -29.89
CA ILE A 116 -8.17 34.09 -29.14
C ILE A 116 -8.63 34.74 -27.83
N PRO A 117 -9.58 35.69 -27.82
CA PRO A 117 -9.93 36.34 -26.54
C PRO A 117 -10.62 35.41 -25.56
N PHE A 118 -11.53 34.56 -26.06
CA PHE A 118 -12.32 33.68 -25.20
C PHE A 118 -11.46 32.94 -24.19
N ILE A 119 -10.54 32.10 -24.69
CA ILE A 119 -9.70 31.30 -23.81
C ILE A 119 -9.00 32.17 -22.79
N GLN A 120 -8.59 33.38 -23.20
CA GLN A 120 -7.99 34.35 -22.28
C GLN A 120 -8.80 34.43 -20.99
N LEU A 121 -10.06 34.88 -21.11
CA LEU A 121 -10.90 35.00 -19.93
C LEU A 121 -10.95 33.68 -19.17
N THR A 122 -11.14 32.57 -19.90
CA THR A 122 -11.12 31.25 -19.30
C THR A 122 -9.91 31.11 -18.38
N SER A 123 -8.72 31.25 -18.96
CA SER A 123 -7.49 31.18 -18.16
C SER A 123 -7.59 32.08 -16.94
N VAL A 124 -7.90 33.36 -17.18
CA VAL A 124 -8.06 34.31 -16.09
C VAL A 124 -8.98 33.72 -15.03
N GLY A 125 -10.20 33.36 -15.43
CA GLY A 125 -11.16 32.75 -14.53
C GLY A 125 -10.50 31.61 -13.78
N VAL A 126 -9.98 30.65 -14.53
CA VAL A 126 -9.31 29.50 -13.93
C VAL A 126 -8.33 29.98 -12.87
N SER A 127 -7.41 30.86 -13.28
CA SER A 127 -6.41 31.39 -12.35
C SER A 127 -7.08 31.86 -11.07
N VAL A 128 -8.02 32.82 -11.20
CA VAL A 128 -8.72 33.34 -10.04
C VAL A 128 -9.34 32.17 -9.26
N PHE A 129 -10.12 31.35 -9.95
CA PHE A 129 -10.76 30.22 -9.30
C PHE A 129 -9.72 29.34 -8.62
N THR A 130 -8.62 29.04 -9.33
CA THR A 130 -7.57 28.22 -8.75
C THR A 130 -7.09 28.82 -7.43
N GLN A 131 -6.79 30.12 -7.43
CA GLN A 131 -6.38 30.79 -6.20
C GLN A 131 -7.43 30.58 -5.12
N THR A 132 -8.70 30.84 -5.45
CA THR A 132 -9.77 30.56 -4.51
C THR A 132 -9.71 29.11 -4.04
N ALA A 133 -9.64 28.18 -4.98
CA ALA A 133 -9.49 26.78 -4.63
C ALA A 133 -8.26 26.59 -3.74
N LEU A 134 -7.13 27.18 -4.14
CA LEU A 134 -5.93 27.12 -3.32
C LEU A 134 -6.21 27.64 -1.92
N SER A 135 -6.87 28.79 -1.82
CA SER A 135 -7.28 29.32 -0.52
C SER A 135 -8.11 28.29 0.23
N ALA A 136 -9.10 27.71 -0.45
CA ALA A 136 -9.89 26.66 0.17
C ALA A 136 -9.01 25.51 0.64
N ASP A 137 -8.05 25.11 -0.21
CA ASP A 137 -7.12 24.06 0.20
C ASP A 137 -6.36 24.47 1.45
N ARG A 138 -5.94 25.74 1.52
CA ARG A 138 -5.30 26.22 2.74
C ARG A 138 -6.27 26.18 3.91
N TYR A 139 -7.53 26.55 3.68
CA TYR A 139 -8.54 26.43 4.72
C TYR A 139 -8.72 24.97 5.13
N LYS A 140 -8.38 24.04 4.25
CA LYS A 140 -8.46 22.62 4.58
C LYS A 140 -7.19 22.14 5.29
N ALA A 141 -6.08 22.85 5.12
CA ALA A 141 -4.80 22.38 5.65
C ALA A 141 -4.39 23.06 6.95
N ILE A 142 -4.99 24.20 7.29
CA ILE A 142 -4.58 24.97 8.45
C ILE A 142 -5.70 25.04 9.49
N VAL A 143 -6.92 25.35 9.07
CA VAL A 143 -8.02 25.52 10.03
C VAL A 143 -8.43 24.18 10.62
N ARG A 144 -8.49 23.14 9.80
CA ARG A 144 -8.90 21.79 10.23
C ARG A 144 -7.77 20.83 9.89
N PRO A 145 -6.78 20.69 10.78
CA PRO A 145 -5.67 19.78 10.47
C PRO A 145 -6.05 18.31 10.57
N MET A 146 -6.83 17.93 11.57
CA MET A 146 -7.19 16.53 11.78
C MET A 146 -8.64 16.21 11.43
N ASP A 147 -9.52 17.21 11.45
CA ASP A 147 -10.94 16.99 11.18
C ASP A 147 -11.25 16.76 9.71
N ILE A 148 -10.26 16.72 8.82
CA ILE A 148 -10.51 16.55 7.40
C ILE A 148 -9.61 15.45 6.86
N GLN A 149 -9.05 14.63 7.77
CA GLN A 149 -8.11 13.58 7.39
C GLN A 149 -8.89 12.44 6.73
N ALA A 150 -9.19 12.63 5.44
CA ALA A 150 -9.89 11.64 4.65
C ALA A 150 -8.89 10.79 3.87
N SER A 151 -9.41 9.87 3.07
CA SER A 151 -8.60 8.97 2.26
C SER A 151 -8.77 9.18 0.77
N HIS A 152 -10.01 9.19 0.28
CA HIS A 152 -10.29 9.37 -1.14
C HIS A 152 -10.21 10.85 -1.46
N ALA A 153 -8.99 11.33 -1.72
CA ALA A 153 -8.74 12.73 -2.02
C ALA A 153 -8.10 12.97 -3.37
N LEU A 154 -7.44 11.97 -3.96
CA LEU A 154 -6.78 12.16 -5.25
C LEU A 154 -7.79 12.39 -6.36
N MET A 155 -8.95 11.72 -6.29
CA MET A 155 -9.98 11.88 -7.31
C MET A 155 -10.87 13.09 -7.05
N LYS A 156 -11.11 13.42 -5.77
CA LYS A 156 -11.96 14.56 -5.45
C LYS A 156 -11.33 15.87 -5.90
N ILE A 157 -10.01 16.01 -5.74
CA ILE A 157 -9.34 17.24 -6.13
C ILE A 157 -9.30 17.36 -7.65
N CYS A 158 -9.06 16.24 -8.35
CA CYS A 158 -9.09 16.26 -9.81
C CYS A 158 -10.47 16.59 -10.33
N LEU A 159 -11.51 16.05 -9.69
CA LEU A 159 -12.87 16.37 -10.08
C LEU A 159 -13.19 17.85 -9.83
N LYS A 160 -12.69 18.39 -8.72
CA LYS A 160 -12.89 19.80 -8.43
C LYS A 160 -12.20 20.69 -9.46
N ALA A 161 -10.98 20.31 -9.86
CA ALA A 161 -10.27 21.08 -10.87
C ALA A 161 -10.98 21.00 -12.22
N ALA A 162 -11.48 19.82 -12.58
CA ALA A 162 -12.23 19.69 -13.82
C ALA A 162 -13.51 20.52 -13.79
N PHE A 163 -14.20 20.53 -12.65
CA PHE A 163 -15.39 21.36 -12.51
C PHE A 163 -15.05 22.84 -12.63
N ILE A 164 -13.92 23.26 -12.04
CA ILE A 164 -13.48 24.65 -12.14
C ILE A 164 -13.24 25.01 -13.60
N TRP A 165 -12.51 24.17 -14.32
CA TRP A 165 -12.22 24.44 -15.73
C TRP A 165 -13.50 24.50 -16.56
N ILE A 166 -14.43 23.57 -16.32
CA ILE A 166 -15.67 23.55 -17.07
C ILE A 166 -16.51 24.80 -16.79
N ILE A 167 -16.57 25.21 -15.52
CA ILE A 167 -17.33 26.41 -15.17
C ILE A 167 -16.71 27.64 -15.81
N SER A 168 -15.38 27.73 -15.79
CA SER A 168 -14.71 28.87 -16.41
C SER A 168 -14.98 28.91 -17.91
N MET A 169 -14.90 27.76 -18.58
CA MET A 169 -15.16 27.71 -20.01
C MET A 169 -16.61 28.10 -20.31
N LEU A 170 -17.56 27.61 -19.52
CA LEU A 170 -18.96 27.94 -19.75
C LEU A 170 -19.24 29.42 -19.49
N LEU A 171 -18.56 30.02 -18.52
CA LEU A 171 -18.75 31.44 -18.27
C LEU A 171 -18.09 32.31 -19.34
N ALA A 172 -17.00 31.83 -19.94
CA ALA A 172 -16.32 32.60 -20.97
C ALA A 172 -16.88 32.37 -22.36
N ILE A 173 -17.67 31.31 -22.56
CA ILE A 173 -18.27 31.07 -23.88
C ILE A 173 -19.08 32.24 -24.40
N PRO A 174 -19.95 32.90 -23.61
CA PRO A 174 -20.69 34.04 -24.15
C PRO A 174 -19.81 35.15 -24.72
N GLU A 175 -18.59 35.30 -24.22
CA GLU A 175 -17.67 36.28 -24.79
C GLU A 175 -17.40 35.97 -26.26
N ALA A 176 -17.04 34.72 -26.57
CA ALA A 176 -16.82 34.34 -27.96
C ALA A 176 -18.12 34.32 -28.75
N VAL A 177 -19.25 34.07 -28.08
CA VAL A 177 -20.52 34.02 -28.79
C VAL A 177 -20.91 35.42 -29.28
N PHE A 178 -20.71 36.45 -28.45
CA PHE A 178 -21.11 37.80 -28.77
C PHE A 178 -19.95 38.65 -29.30
N SER A 179 -18.80 38.05 -29.57
CA SER A 179 -17.66 38.79 -30.11
C SER A 179 -17.82 38.95 -31.62
N ASP A 180 -17.61 40.18 -32.10
CA ASP A 180 -17.73 40.48 -33.52
C ASP A 180 -17.02 41.79 -33.81
N LEU A 181 -16.85 42.08 -35.09
CA LEU A 181 -16.20 43.30 -35.54
C LEU A 181 -17.25 44.31 -35.97
N HIS A 182 -17.32 45.44 -35.26
CA HIS A 182 -18.24 46.52 -35.56
C HIS A 182 -17.51 47.84 -35.43
N PRO A 183 -17.86 48.83 -36.25
CA PRO A 183 -17.12 50.09 -36.24
C PRO A 183 -17.39 50.90 -34.98
N PHE A 184 -16.46 51.82 -34.72
CA PHE A 184 -16.56 52.73 -33.57
C PHE A 184 -16.32 54.14 -34.07
N HIS A 185 -17.22 55.05 -33.71
CA HIS A 185 -17.12 56.45 -34.10
C HIS A 185 -16.24 57.19 -33.08
N GLU A 186 -15.03 57.53 -33.49
CA GLU A 186 -14.10 58.24 -32.61
C GLU A 186 -14.51 59.70 -32.47
N GLN A 191 -11.73 58.83 -37.36
CA GLN A 191 -13.04 59.13 -36.79
C GLN A 191 -13.86 57.87 -36.57
N THR A 192 -13.40 56.76 -37.15
CA THR A 192 -14.09 55.48 -37.02
C THR A 192 -13.06 54.37 -37.22
N PHE A 193 -13.05 53.40 -36.31
CA PHE A 193 -12.08 52.30 -36.37
C PHE A 193 -12.78 50.99 -36.09
N ILE A 194 -12.18 49.89 -36.57
CA ILE A 194 -12.74 48.56 -36.42
C ILE A 194 -11.65 47.64 -35.85
N SER A 195 -12.03 46.83 -34.87
CA SER A 195 -11.14 45.87 -34.25
C SER A 195 -11.98 44.82 -33.53
N CYS A 196 -11.33 43.96 -32.75
CA CYS A 196 -12.04 42.96 -31.96
C CYS A 196 -12.88 43.63 -30.88
N ALA A 197 -14.09 43.13 -30.67
CA ALA A 197 -14.98 43.69 -29.66
C ALA A 197 -16.01 42.65 -29.22
N PRO A 198 -16.15 42.40 -27.92
CA PRO A 198 -17.15 41.43 -27.46
C PRO A 198 -18.53 42.04 -27.29
N TYR A 199 -18.62 43.38 -27.32
CA TYR A 199 -19.86 44.08 -27.10
C TYR A 199 -20.36 44.69 -28.40
N PRO A 200 -21.48 44.23 -28.94
CA PRO A 200 -22.02 44.82 -30.17
C PRO A 200 -22.74 46.13 -29.89
N HIS A 201 -23.11 46.82 -30.97
CA HIS A 201 -23.82 48.09 -30.89
C HIS A 201 -25.32 47.90 -31.06
N SER A 202 -25.86 46.74 -30.65
CA SER A 202 -27.30 46.51 -30.76
C SER A 202 -28.06 47.34 -29.73
N ASN A 203 -27.60 47.31 -28.48
CA ASN A 203 -28.23 48.08 -27.42
C ASN A 203 -27.17 48.44 -26.38
N GLU A 204 -27.53 49.36 -25.48
CA GLU A 204 -26.63 49.80 -24.43
C GLU A 204 -26.80 49.03 -23.13
N LEU A 205 -27.83 48.19 -23.03
CA LEU A 205 -28.07 47.45 -21.79
C LEU A 205 -27.26 46.15 -21.75
N HIS A 206 -27.07 45.50 -22.90
CA HIS A 206 -26.35 44.23 -22.92
C HIS A 206 -24.90 44.37 -22.51
N PRO A 207 -24.10 45.29 -23.06
CA PRO A 207 -22.71 45.43 -22.57
C PRO A 207 -22.64 45.81 -21.11
N LYS A 208 -23.55 46.67 -20.65
CA LYS A 208 -23.55 47.08 -19.25
C LYS A 208 -23.81 45.90 -18.33
N ILE A 209 -24.85 45.11 -18.63
CA ILE A 209 -25.17 43.98 -17.76
C ILE A 209 -24.10 42.90 -17.86
N HIS A 210 -23.48 42.74 -19.03
CA HIS A 210 -22.41 41.75 -19.14
C HIS A 210 -21.19 42.15 -18.32
N SER A 211 -20.81 43.43 -18.39
CA SER A 211 -19.69 43.92 -17.59
C SER A 211 -20.01 43.83 -16.10
N MET A 212 -21.26 44.10 -15.72
CA MET A 212 -21.65 43.98 -14.32
C MET A 212 -21.56 42.54 -13.84
N ALA A 213 -22.06 41.59 -14.64
CA ALA A 213 -21.98 40.19 -14.26
C ALA A 213 -20.52 39.72 -14.19
N SER A 214 -19.68 40.20 -15.10
CA SER A 214 -18.27 39.84 -15.06
C SER A 214 -17.60 40.38 -13.80
N PHE A 215 -17.87 41.65 -13.47
CA PHE A 215 -17.29 42.24 -12.27
C PHE A 215 -17.81 41.56 -11.00
N LEU A 216 -19.03 41.01 -11.06
CA LEU A 216 -19.58 40.35 -9.87
C LEU A 216 -19.00 38.94 -9.70
N VAL A 217 -18.92 38.17 -10.79
CA VAL A 217 -18.48 36.78 -10.68
C VAL A 217 -16.97 36.60 -10.80
N PHE A 218 -16.23 37.66 -11.15
CA PHE A 218 -14.78 37.56 -11.26
C PHE A 218 -14.03 38.40 -10.24
N TYR A 219 -14.65 39.41 -9.65
CA TYR A 219 -13.98 40.27 -8.68
C TYR A 219 -14.59 40.22 -7.29
N VAL A 220 -15.90 40.40 -7.18
CA VAL A 220 -16.52 40.56 -5.87
C VAL A 220 -16.49 39.25 -5.09
N ILE A 221 -17.15 38.21 -5.61
CA ILE A 221 -17.30 36.97 -4.86
C ILE A 221 -15.97 36.26 -4.62
N PRO A 222 -15.11 36.04 -5.64
CA PRO A 222 -13.87 35.31 -5.35
C PRO A 222 -12.93 36.05 -4.43
N LEU A 223 -12.75 37.36 -4.62
CA LEU A 223 -11.90 38.13 -3.72
C LEU A 223 -12.46 38.16 -2.31
N SER A 224 -13.78 38.27 -2.17
CA SER A 224 -14.39 38.26 -0.85
C SER A 224 -14.15 36.92 -0.15
N ILE A 225 -14.35 35.82 -0.87
CA ILE A 225 -14.14 34.50 -0.29
C ILE A 225 -12.68 34.31 0.10
N ILE A 226 -11.76 34.73 -0.77
CA ILE A 226 -10.34 34.59 -0.49
C ILE A 226 -9.95 35.42 0.73
N SER A 227 -10.48 36.64 0.83
CA SER A 227 -10.17 37.49 1.98
C SER A 227 -10.71 36.90 3.27
N VAL A 228 -11.93 36.38 3.25
CA VAL A 228 -12.50 35.77 4.45
C VAL A 228 -11.68 34.56 4.87
N TYR A 229 -11.33 33.71 3.90
CA TYR A 229 -10.54 32.52 4.23
C TYR A 229 -9.18 32.88 4.78
N TYR A 230 -8.51 33.88 4.17
CA TYR A 230 -7.20 34.27 4.65
C TYR A 230 -7.26 34.93 6.02
N TYR A 231 -8.32 35.68 6.29
CA TYR A 231 -8.49 36.25 7.62
C TYR A 231 -8.70 35.16 8.67
N PHE A 232 -9.53 34.17 8.36
CA PHE A 232 -9.72 33.06 9.29
C PHE A 232 -8.41 32.29 9.50
N ILE A 233 -7.64 32.10 8.43
CA ILE A 233 -6.38 31.38 8.54
C ILE A 233 -5.39 32.16 9.41
N ALA A 234 -5.31 33.47 9.21
CA ALA A 234 -4.42 34.30 10.03
C ALA A 234 -4.84 34.27 11.49
N LYS A 235 -6.16 34.33 11.75
CA LYS A 235 -6.64 34.25 13.13
C LYS A 235 -6.28 32.91 13.76
N ASN A 236 -6.46 31.82 13.02
CA ASN A 236 -6.12 30.50 13.55
C ASN A 236 -4.62 30.38 13.80
N LEU A 237 -3.80 30.96 12.93
CA LEU A 237 -2.36 30.92 13.13
C LEU A 237 -1.95 31.71 14.36
N ILE A 238 -2.52 32.90 14.53
CA ILE A 238 -2.22 33.71 15.71
C ILE A 238 -2.67 32.99 16.98
N GLN A 239 -3.79 32.27 16.91
CA GLN A 239 -4.26 31.54 18.09
C GLN A 239 -3.37 30.35 18.40
N SER A 240 -2.92 29.63 17.36
CA SER A 240 -2.08 28.45 17.57
C SER A 240 -0.64 28.80 17.90
N ALA A 241 -0.20 30.02 17.62
CA ALA A 241 1.15 30.45 17.96
C ALA A 241 1.31 30.79 19.44
N TYR A 242 0.29 30.54 20.27
CA TYR A 242 0.33 30.87 21.69
C TYR A 242 0.45 29.64 22.58
N ASN A 243 -0.34 28.61 22.33
CA ASN A 243 -0.30 27.40 23.14
C ASN A 243 0.93 26.54 22.86
N LEU A 244 1.77 26.92 21.90
CA LEU A 244 2.98 26.15 21.64
C LEU A 244 3.96 26.30 22.80
N PRO A 245 4.47 25.21 23.35
CA PRO A 245 5.31 25.30 24.56
C PRO A 245 6.68 25.92 24.28
N VAL A 246 6.73 27.23 24.12
CA VAL A 246 8.00 27.94 23.91
C VAL A 246 8.49 28.37 25.29
N GLU A 247 9.40 27.58 25.86
CA GLU A 247 9.99 27.93 27.15
C GLU A 247 11.49 28.13 26.99
N GLY A 248 12.17 27.20 26.31
CA GLY A 248 13.60 27.33 26.09
C GLY A 248 14.05 26.72 24.79
N ASN A 249 13.10 26.34 23.93
CA ASN A 249 13.40 25.65 22.68
C ASN A 249 13.64 26.67 21.57
N ILE A 250 14.81 26.59 20.94
CA ILE A 250 15.10 27.47 19.82
C ILE A 250 14.36 27.03 18.57
N HIS A 251 14.13 25.73 18.41
CA HIS A 251 13.37 25.24 17.27
C HIS A 251 11.92 25.70 17.34
N VAL A 252 11.33 25.71 18.54
CA VAL A 252 9.97 26.21 18.70
C VAL A 252 9.91 27.71 18.41
N LYS A 253 10.94 28.44 18.82
CA LYS A 253 10.98 29.88 18.51
C LYS A 253 11.07 30.11 17.01
N LYS A 254 11.91 29.32 16.32
CA LYS A 254 12.00 29.44 14.87
C LYS A 254 10.67 29.06 14.21
N GLN A 255 9.97 28.08 14.75
CA GLN A 255 8.68 27.70 14.20
C GLN A 255 7.65 28.81 14.39
N ILE A 256 7.67 29.48 15.55
CA ILE A 256 6.75 30.59 15.77
C ILE A 256 7.08 31.76 14.84
N GLU A 257 8.36 32.02 14.65
CA GLU A 257 8.77 33.08 13.72
C GLU A 257 8.34 32.74 12.29
N SER A 258 8.45 31.47 11.90
CA SER A 258 8.02 31.06 10.57
C SER A 258 6.50 31.17 10.43
N ARG A 259 5.77 30.88 11.50
CA ARG A 259 4.32 31.01 11.48
C ARG A 259 3.92 32.47 11.30
N LYS A 260 4.57 33.38 12.05
CA LYS A 260 4.29 34.80 11.89
C LYS A 260 4.67 35.28 10.50
N ARG A 261 5.77 34.78 9.95
CA ARG A 261 6.17 35.14 8.59
C ARG A 261 5.14 34.66 7.58
N LEU A 262 4.61 33.44 7.76
CA LEU A 262 3.58 32.93 6.88
C LEU A 262 2.32 33.79 6.95
N ALA A 263 1.92 34.18 8.16
CA ALA A 263 0.73 35.02 8.31
C ALA A 263 0.93 36.36 7.62
N LYS A 264 2.08 37.01 7.85
CA LYS A 264 2.35 38.30 7.23
C LYS A 264 2.43 38.17 5.71
N THR A 265 2.98 37.06 5.21
CA THR A 265 3.09 36.87 3.77
C THR A 265 1.72 36.64 3.14
N VAL A 266 0.83 35.92 3.84
CA VAL A 266 -0.53 35.74 3.33
C VAL A 266 -1.26 37.08 3.31
N LEU A 267 -1.07 37.89 4.34
CA LEU A 267 -1.68 39.22 4.38
C LEU A 267 -1.17 40.08 3.21
N VAL A 268 0.15 40.07 2.98
CA VAL A 268 0.72 40.84 1.88
C VAL A 268 0.18 40.32 0.54
N PHE A 269 0.03 39.00 0.42
CA PHE A 269 -0.45 38.41 -0.83
C PHE A 269 -1.88 38.85 -1.12
N VAL A 270 -2.76 38.77 -0.11
CA VAL A 270 -4.16 39.16 -0.36
C VAL A 270 -4.25 40.67 -0.60
N GLY A 271 -3.43 41.46 0.10
CA GLY A 271 -3.42 42.89 -0.15
C GLY A 271 -2.97 43.24 -1.56
N LEU A 272 -1.91 42.58 -2.04
CA LEU A 272 -1.45 42.82 -3.40
C LEU A 272 -2.46 42.33 -4.42
N PHE A 273 -3.13 41.21 -4.15
CA PHE A 273 -4.17 40.72 -5.03
C PHE A 273 -5.29 41.76 -5.17
N ALA A 274 -5.75 42.30 -4.05
CA ALA A 274 -6.80 43.31 -4.10
C ALA A 274 -6.31 44.58 -4.81
N PHE A 275 -5.12 45.05 -4.46
CA PHE A 275 -4.58 46.29 -5.02
C PHE A 275 -4.26 46.17 -6.51
N CYS A 276 -4.10 44.94 -7.02
CA CYS A 276 -3.84 44.75 -8.44
C CYS A 276 -5.08 44.39 -9.24
N TRP A 277 -6.10 43.80 -8.60
CA TRP A 277 -7.34 43.48 -9.31
C TRP A 277 -8.37 44.59 -9.23
N LEU A 278 -8.21 45.56 -8.32
CA LEU A 278 -9.13 46.70 -8.31
C LEU A 278 -8.93 47.61 -9.52
N PRO A 279 -7.71 48.03 -9.88
CA PRO A 279 -7.57 48.95 -11.02
C PRO A 279 -8.00 48.35 -12.34
N ASN A 280 -7.65 47.09 -12.61
CA ASN A 280 -8.04 46.46 -13.87
C ASN A 280 -9.56 46.41 -14.00
N HIS A 281 -10.24 45.99 -12.93
CA HIS A 281 -11.70 45.87 -12.98
C HIS A 281 -12.37 47.24 -13.08
N VAL A 282 -11.84 48.24 -12.37
CA VAL A 282 -12.46 49.56 -12.44
C VAL A 282 -12.22 50.19 -13.81
N ILE A 283 -11.08 49.92 -14.43
CA ILE A 283 -10.84 50.42 -15.79
C ILE A 283 -11.75 49.71 -16.79
N TYR A 284 -11.96 48.40 -16.59
CA TYR A 284 -12.90 47.69 -17.46
C TYR A 284 -14.31 48.24 -17.32
N LEU A 285 -14.74 48.52 -16.09
CA LEU A 285 -16.06 49.10 -15.88
C LEU A 285 -16.16 50.50 -16.51
N TYR A 286 -15.09 51.28 -16.40
CA TYR A 286 -15.10 52.62 -16.98
C TYR A 286 -15.19 52.57 -18.50
N ARG A 287 -14.42 51.68 -19.13
CA ARG A 287 -14.44 51.56 -20.58
C ARG A 287 -15.69 50.83 -21.10
N SER A 288 -16.40 50.13 -20.22
CA SER A 288 -17.66 49.50 -20.61
C SER A 288 -18.85 50.45 -20.48
N TYR A 289 -18.85 51.30 -19.44
CA TYR A 289 -19.91 52.28 -19.30
C TYR A 289 -19.83 53.36 -20.37
N HIS A 290 -18.61 53.70 -20.80
CA HIS A 290 -18.41 54.67 -21.87
C HIS A 290 -18.26 54.00 -23.24
N TYR A 291 -18.88 52.83 -23.43
CA TYR A 291 -18.76 52.11 -24.69
C TYR A 291 -19.45 52.82 -25.84
N SER A 292 -20.42 53.69 -25.55
CA SER A 292 -21.12 54.41 -26.62
C SER A 292 -20.22 55.40 -27.34
N GLU A 293 -19.15 55.86 -26.69
CA GLU A 293 -18.22 56.80 -27.33
C GLU A 293 -16.80 56.28 -27.25
N VAL A 294 -15.84 57.09 -27.68
CA VAL A 294 -14.42 56.71 -27.70
C VAL A 294 -13.64 57.73 -26.89
N ASP A 295 -12.78 57.25 -25.99
CA ASP A 295 -11.93 58.10 -25.17
C ASP A 295 -10.52 57.52 -25.20
N THR A 296 -9.59 58.27 -25.79
CA THR A 296 -8.21 57.85 -25.94
C THR A 296 -7.25 58.91 -25.43
N SER A 297 -7.55 59.46 -24.26
CA SER A 297 -6.71 60.48 -23.66
C SER A 297 -5.42 59.87 -23.12
N MET A 298 -4.47 60.74 -22.76
CA MET A 298 -3.20 60.27 -22.23
C MET A 298 -3.36 59.70 -20.82
N LEU A 299 -4.20 60.32 -19.99
CA LEU A 299 -4.45 59.80 -18.67
C LEU A 299 -5.11 58.43 -18.72
N HIS A 300 -6.10 58.27 -19.61
CA HIS A 300 -6.72 56.96 -19.79
C HIS A 300 -5.69 55.94 -20.28
N PHE A 301 -4.82 56.35 -21.20
CA PHE A 301 -3.77 55.45 -21.69
C PHE A 301 -2.88 54.97 -20.55
N VAL A 302 -2.37 55.90 -19.74
CA VAL A 302 -1.41 55.52 -18.70
C VAL A 302 -2.09 54.71 -17.61
N THR A 303 -3.36 55.02 -17.28
CA THR A 303 -4.03 54.25 -16.25
C THR A 303 -4.40 52.86 -16.75
N SER A 304 -4.72 52.72 -18.05
CA SER A 304 -4.97 51.39 -18.60
C SER A 304 -3.69 50.57 -18.63
N ILE A 305 -2.56 51.20 -18.97
CA ILE A 305 -1.27 50.50 -18.94
C ILE A 305 -0.94 50.06 -17.53
N CYS A 306 -1.16 50.93 -16.54
CA CYS A 306 -0.90 50.56 -15.15
C CYS A 306 -1.79 49.42 -14.70
N ALA A 307 -3.07 49.45 -15.08
CA ALA A 307 -3.98 48.36 -14.72
C ALA A 307 -3.56 47.06 -15.37
N ARG A 308 -3.14 47.10 -16.64
CA ARG A 308 -2.67 45.91 -17.32
C ARG A 308 -1.43 45.33 -16.64
N LEU A 309 -0.48 46.20 -16.27
CA LEU A 309 0.73 45.73 -15.58
C LEU A 309 0.39 45.13 -14.23
N LEU A 310 -0.52 45.75 -13.48
CA LEU A 310 -0.91 45.21 -12.18
C LEU A 310 -1.63 43.87 -12.33
N ALA A 311 -2.45 43.73 -13.36
CA ALA A 311 -3.12 42.45 -13.60
C ALA A 311 -2.12 41.36 -13.99
N PHE A 312 -1.10 41.74 -14.77
CA PHE A 312 -0.09 40.75 -15.16
C PHE A 312 0.79 40.35 -13.98
N THR A 313 1.10 41.28 -13.09
CA THR A 313 1.92 40.95 -11.93
C THR A 313 1.25 39.92 -11.03
N ASN A 314 -0.08 39.83 -11.05
CA ASN A 314 -0.77 38.80 -10.28
C ASN A 314 -0.33 37.41 -10.73
N SER A 315 -0.41 37.14 -12.03
CA SER A 315 0.03 35.85 -12.55
C SER A 315 1.54 35.71 -12.53
N CYS A 316 2.29 36.82 -12.55
CA CYS A 316 3.74 36.75 -12.52
C CYS A 316 4.30 36.53 -11.13
N VAL A 317 3.51 36.76 -10.08
CA VAL A 317 4.00 36.61 -8.71
C VAL A 317 3.52 35.31 -8.06
N ASN A 318 2.55 34.62 -8.66
CA ASN A 318 2.05 33.37 -8.07
C ASN A 318 3.10 32.27 -8.01
N PRO A 319 3.88 31.97 -9.06
CA PRO A 319 4.85 30.88 -8.94
C PRO A 319 5.96 31.15 -7.94
N PHE A 320 6.29 32.41 -7.70
CA PHE A 320 7.34 32.76 -6.74
C PHE A 320 6.83 32.83 -5.31
N ALA A 321 5.55 32.56 -5.08
CA ALA A 321 5.00 32.63 -3.72
C ALA A 321 5.63 31.58 -2.82
N LEU A 322 5.61 30.31 -3.26
CA LEU A 322 6.20 29.25 -2.45
C LEU A 322 7.72 29.42 -2.34
N TYR A 323 8.35 30.03 -3.33
CA TYR A 323 9.79 30.28 -3.26
C TYR A 323 10.12 31.31 -2.19
N LEU A 324 9.49 32.48 -2.26
CA LEU A 324 9.76 33.56 -1.32
C LEU A 324 9.16 33.31 0.06
N LEU A 325 8.24 32.34 0.19
CA LEU A 325 7.52 32.14 1.44
C LEU A 325 8.20 31.13 2.36
N SER A 326 8.38 29.91 1.88
CA SER A 326 8.83 28.80 2.73
C SER A 326 10.07 28.14 2.16
N LYS A 327 10.70 27.31 2.98
CA LYS A 327 11.85 26.51 2.58
C LYS A 327 11.35 25.20 1.97
N SER A 328 12.27 24.26 1.74
CA SER A 328 12.03 22.95 1.15
C SER A 328 11.55 23.03 -0.29
N PHE A 329 11.42 24.23 -0.86
CA PHE A 329 11.03 24.43 -2.23
C PHE A 329 12.00 25.29 -3.02
N ARG A 330 12.75 26.17 -2.36
CA ARG A 330 13.75 26.98 -3.05
C ARG A 330 14.88 26.10 -3.60
N LYS A 331 15.19 25.00 -2.93
CA LYS A 331 16.26 24.12 -3.39
C LYS A 331 15.94 23.54 -4.76
N GLN A 332 14.76 22.95 -4.92
CA GLN A 332 14.37 22.40 -6.21
C GLN A 332 14.18 23.51 -7.25
N PHE A 333 13.64 24.65 -6.83
CA PHE A 333 13.42 25.76 -7.76
C PHE A 333 14.73 26.29 -8.31
N ASN A 334 15.81 26.25 -7.51
CA ASN A 334 17.10 26.69 -8.00
C ASN A 334 17.84 25.58 -8.74
N THR A 335 17.61 24.31 -8.36
CA THR A 335 18.27 23.20 -9.04
C THR A 335 17.70 22.97 -10.44
N GLN A 336 16.41 23.25 -10.63
CA GLN A 336 15.81 23.05 -11.95
C GLN A 336 16.39 24.01 -12.98
N LEU A 337 16.88 25.17 -12.54
CA LEU A 337 17.51 26.13 -13.43
C LEU A 337 19.04 26.06 -13.41
N LEU A 338 19.63 25.49 -12.36
CA LEU A 338 21.08 25.38 -12.27
C LEU A 338 21.61 24.15 -12.98
N CYS A 339 20.79 23.12 -13.17
CA CYS A 339 21.24 21.92 -13.87
C CYS A 339 21.62 22.21 -15.31
N CYS A 340 20.93 23.14 -15.95
CA CYS A 340 21.28 23.52 -17.31
C CYS A 340 22.45 24.50 -17.35
N GLN A 341 22.64 25.26 -16.28
CA GLN A 341 23.74 26.22 -16.21
C GLN A 341 25.08 25.51 -16.06
N ASN B 1 -8.23 56.06 -31.05
CA ASN B 1 -7.15 55.28 -31.63
C ASN B 1 -7.56 53.81 -31.77
N HIS B 2 -6.63 52.99 -32.27
CA HIS B 2 -6.92 51.57 -32.43
C HIS B 2 -6.99 50.84 -31.10
N TRP B 3 -6.26 51.33 -30.09
CA TRP B 3 -6.24 50.71 -28.77
C TRP B 3 -7.34 51.32 -27.90
N ALA B 4 -7.29 51.03 -26.60
CA ALA B 4 -8.24 51.48 -25.58
C ALA B 4 -9.64 50.92 -25.80
N VAL B 5 -9.79 49.90 -26.65
CA VAL B 5 -11.08 49.26 -26.90
C VAL B 5 -10.86 47.75 -26.96
N GLY B 6 -11.70 47.00 -26.24
CA GLY B 6 -11.59 45.56 -26.25
C GLY B 6 -12.03 44.89 -24.96
N HIS B 7 -11.20 44.00 -24.43
CA HIS B 7 -11.50 43.24 -23.22
C HIS B 7 -10.71 43.80 -22.04
N LEU B 8 -10.85 43.13 -20.90
CA LEU B 8 -10.11 43.53 -19.70
C LEU B 8 -8.63 43.23 -19.81
N MET B 9 -8.28 42.07 -20.38
CA MET B 9 -6.87 41.71 -20.58
C MET B 9 -6.48 41.85 -22.04
N LEU C 5 -12.82 -14.03 -21.50
CA LEU C 5 -13.49 -13.64 -20.26
C LEU C 5 -14.60 -14.63 -19.91
N SER C 6 -14.28 -15.59 -19.05
CA SER C 6 -15.26 -16.59 -18.64
C SER C 6 -16.10 -16.05 -17.49
N ALA C 7 -17.10 -16.84 -17.09
CA ALA C 7 -17.97 -16.44 -15.98
C ALA C 7 -17.24 -16.52 -14.65
N GLU C 8 -16.40 -17.55 -14.46
CA GLU C 8 -15.64 -17.68 -13.23
C GLU C 8 -14.64 -16.53 -13.08
N ASP C 9 -13.99 -16.15 -14.18
CA ASP C 9 -13.04 -15.03 -14.12
C ASP C 9 -13.76 -13.72 -13.81
N LYS C 10 -14.96 -13.52 -14.38
CA LYS C 10 -15.70 -12.31 -14.08
C LYS C 10 -16.17 -12.29 -12.63
N ALA C 11 -16.59 -13.44 -12.10
CA ALA C 11 -16.96 -13.50 -10.69
C ALA C 11 -15.76 -13.23 -9.79
N ALA C 12 -14.57 -13.72 -10.18
CA ALA C 12 -13.37 -13.43 -9.42
C ALA C 12 -13.03 -11.94 -9.47
N VAL C 13 -13.22 -11.32 -10.62
CA VAL C 13 -12.97 -9.87 -10.73
C VAL C 13 -13.94 -9.09 -9.86
N GLU C 14 -15.21 -9.52 -9.82
CA GLU C 14 -16.19 -8.87 -8.97
C GLU C 14 -15.84 -9.04 -7.49
N ARG C 15 -15.39 -10.23 -7.11
CA ARG C 15 -14.96 -10.45 -5.73
C ARG C 15 -13.76 -9.58 -5.39
N SER C 16 -12.83 -9.44 -6.33
CA SER C 16 -11.67 -8.58 -6.10
C SER C 16 -12.08 -7.12 -5.96
N LYS C 17 -13.07 -6.69 -6.75
CA LYS C 17 -13.57 -5.33 -6.61
C LYS C 17 -14.24 -5.11 -5.26
N MET C 18 -15.00 -6.10 -4.79
CA MET C 18 -15.61 -5.99 -3.46
C MET C 18 -14.54 -5.96 -2.37
N ILE C 19 -13.49 -6.76 -2.52
CA ILE C 19 -12.40 -6.74 -1.54
C ILE C 19 -11.69 -5.40 -1.56
N GLU C 20 -11.53 -4.80 -2.74
CA GLU C 20 -10.90 -3.49 -2.84
C GLU C 20 -11.77 -2.42 -2.19
N LYS C 21 -13.09 -2.51 -2.36
CA LYS C 21 -13.99 -1.58 -1.69
C LYS C 21 -13.92 -1.72 -0.18
N GLN C 22 -13.85 -2.97 0.30
CA GLN C 22 -13.71 -3.19 1.74
C GLN C 22 -12.39 -2.64 2.26
N LEU C 23 -11.31 -2.82 1.49
CA LEU C 23 -10.02 -2.29 1.91
C LEU C 23 -10.02 -0.76 1.92
N GLN C 24 -10.74 -0.14 0.97
CA GLN C 24 -10.87 1.31 0.98
C GLN C 24 -11.67 1.78 2.19
N LYS C 25 -12.75 1.09 2.52
CA LYS C 25 -13.53 1.44 3.71
C LYS C 25 -12.69 1.28 4.97
N ASP C 26 -11.82 0.28 5.01
CA ASP C 26 -10.94 0.11 6.17
C ASP C 26 -9.87 1.20 6.21
N LYS C 27 -9.33 1.58 5.05
CA LYS C 27 -8.33 2.64 4.99
C LYS C 27 -8.92 3.98 5.40
N GLN C 28 -10.22 4.20 5.14
CA GLN C 28 -10.87 5.41 5.64
C GLN C 28 -10.74 5.54 7.15
N VAL C 29 -11.13 4.50 7.89
CA VAL C 29 -11.01 4.52 9.34
C VAL C 29 -9.55 4.53 9.77
N TYR C 30 -8.67 3.86 9.01
CA TYR C 30 -7.25 3.85 9.34
C TYR C 30 -6.67 5.26 9.31
N ARG C 31 -7.03 6.05 8.29
CA ARG C 31 -6.56 7.43 8.20
C ARG C 31 -7.33 8.37 9.12
N ARG C 32 -8.55 8.02 9.52
CA ARG C 32 -9.26 8.84 10.47
C ARG C 32 -8.63 8.78 11.86
N THR C 33 -8.02 7.65 12.20
CA THR C 33 -7.37 7.48 13.50
C THR C 33 -5.91 7.91 13.42
N LEU C 34 -5.35 8.21 14.59
CA LEU C 34 -3.96 8.63 14.71
C LEU C 34 -3.18 7.56 15.48
N ARG C 35 -2.14 7.02 14.87
CA ARG C 35 -1.32 5.99 15.47
C ARG C 35 -0.17 6.62 16.24
N LEU C 36 -0.10 6.36 17.54
CA LEU C 36 0.93 6.91 18.41
C LEU C 36 1.75 5.78 19.02
N LEU C 37 3.00 6.10 19.36
CA LEU C 37 3.89 5.16 20.04
C LEU C 37 4.09 5.62 21.48
N LEU C 38 4.31 4.66 22.38
CA LEU C 38 4.57 4.95 23.78
C LEU C 38 5.86 4.27 24.20
N LEU C 39 6.80 5.04 24.75
CA LEU C 39 8.09 4.53 25.16
C LEU C 39 8.42 4.99 26.58
N GLY C 40 9.26 4.22 27.24
CA GLY C 40 9.66 4.52 28.59
C GLY C 40 10.34 3.32 29.24
N ALA C 41 11.17 3.62 30.23
CA ALA C 41 11.92 2.59 30.93
C ALA C 41 11.00 1.86 31.91
N ASP C 42 11.58 0.96 32.71
CA ASP C 42 10.78 0.20 33.67
C ASP C 42 10.26 1.10 34.79
N ASN C 43 11.09 2.04 35.25
CA ASN C 43 10.69 2.96 36.31
C ASN C 43 9.79 4.08 35.82
N SER C 44 9.50 4.14 34.52
CA SER C 44 8.62 5.18 34.00
C SER C 44 7.18 4.96 34.46
N GLY C 45 6.39 6.03 34.38
CA GLY C 45 5.01 5.98 34.82
C GLY C 45 4.02 5.79 33.68
N LYS C 46 4.37 4.94 32.71
CA LYS C 46 3.46 4.69 31.60
C LYS C 46 2.23 3.90 32.04
N SER C 47 2.35 3.09 33.09
CA SER C 47 1.20 2.35 33.60
C SER C 47 0.12 3.28 34.11
N THR C 48 0.52 4.29 34.89
CA THR C 48 -0.45 5.27 35.39
C THR C 48 -1.08 6.04 34.23
N ILE C 49 -0.32 6.31 33.18
CA ILE C 49 -0.85 7.05 32.04
C ILE C 49 -1.90 6.21 31.30
N VAL C 50 -1.58 4.94 31.05
CA VAL C 50 -2.52 4.08 30.33
C VAL C 50 -3.70 3.67 31.20
N LYS C 51 -3.57 3.79 32.53
CA LYS C 51 -4.67 3.46 33.43
C LYS C 51 -5.62 4.63 33.66
N GLN C 52 -5.08 5.83 33.84
CA GLN C 52 -5.90 7.00 34.13
C GLN C 52 -6.42 7.67 32.86
N MET C 53 -5.54 7.97 31.91
CA MET C 53 -5.94 8.62 30.66
C MET C 53 -6.34 7.59 29.61
N ARG C 54 -7.23 6.68 29.97
CA ARG C 54 -7.78 5.69 29.05
C ARG C 54 -9.11 6.17 28.47
N ILE C 55 -9.09 7.31 27.80
CA ILE C 55 -10.30 7.89 27.21
C ILE C 55 -9.91 8.94 26.18
N THR C 181 2.78 -14.41 25.43
CA THR C 181 2.47 -13.17 26.12
C THR C 181 2.22 -12.03 25.13
N SER C 182 1.59 -10.97 25.60
CA SER C 182 1.30 -9.79 24.77
C SER C 182 2.47 -8.83 24.85
N GLY C 183 3.37 -8.93 23.87
CA GLY C 183 4.53 -8.05 23.84
C GLY C 183 4.21 -6.60 23.52
N ILE C 184 3.08 -6.35 22.86
CA ILE C 184 2.66 -5.00 22.50
C ILE C 184 1.19 -4.84 22.89
N PHE C 185 0.88 -3.72 23.54
CA PHE C 185 -0.47 -3.42 24.00
C PHE C 185 -0.99 -2.20 23.26
N GLU C 186 -2.22 -2.30 22.77
CA GLU C 186 -2.86 -1.23 22.00
C GLU C 186 -4.00 -0.64 22.81
N THR C 187 -4.04 0.70 22.88
CA THR C 187 -5.10 1.43 23.57
C THR C 187 -5.78 2.34 22.55
N LYS C 188 -7.04 2.06 22.24
CA LYS C 188 -7.82 2.82 21.29
C LYS C 188 -8.82 3.68 22.06
N PHE C 189 -8.69 5.00 21.97
CA PHE C 189 -9.57 5.89 22.70
C PHE C 189 -9.97 7.08 21.83
N GLN C 190 -11.21 7.51 21.97
CA GLN C 190 -11.76 8.63 21.21
C GLN C 190 -11.95 9.83 22.12
N VAL C 191 -11.46 10.98 21.67
CA VAL C 191 -11.59 12.24 22.40
C VAL C 191 -11.66 13.37 21.40
N ASP C 192 -12.58 14.31 21.64
CA ASP C 192 -12.79 15.47 20.77
C ASP C 192 -13.06 15.02 19.33
N LYS C 193 -13.85 13.96 19.20
CA LYS C 193 -14.22 13.40 17.90
C LYS C 193 -12.99 12.97 17.09
N VAL C 194 -11.90 12.63 17.76
CA VAL C 194 -10.68 12.15 17.12
C VAL C 194 -10.24 10.89 17.84
N ASN C 195 -9.92 9.85 17.07
CA ASN C 195 -9.52 8.57 17.62
C ASN C 195 -8.00 8.42 17.63
N PHE C 196 -7.47 7.91 18.74
CA PHE C 196 -6.04 7.71 18.90
C PHE C 196 -5.80 6.26 19.31
N HIS C 197 -4.90 5.60 18.59
CA HIS C 197 -4.47 4.23 18.89
C HIS C 197 -3.01 4.29 19.33
N MET C 198 -2.77 4.10 20.62
CA MET C 198 -1.42 4.15 21.17
C MET C 198 -0.90 2.73 21.36
N PHE C 199 0.29 2.47 20.83
CA PHE C 199 0.95 1.18 20.95
C PHE C 199 2.12 1.29 21.92
N ASP C 200 2.13 0.42 22.93
CA ASP C 200 3.18 0.44 23.94
C ASP C 200 3.81 -0.94 24.06
N VAL C 201 5.08 -0.98 24.44
CA VAL C 201 5.82 -2.23 24.62
C VAL C 201 5.93 -2.50 26.12
N GLY C 202 5.49 -3.68 26.54
CA GLY C 202 5.54 -4.04 27.93
C GLY C 202 6.22 -5.37 28.21
N ALA C 203 6.35 -6.19 27.18
CA ALA C 203 6.93 -7.53 27.30
C ALA C 203 7.95 -7.77 26.19
N GLN C 204 8.82 -6.80 25.95
CA GLN C 204 9.85 -6.91 24.92
C GLN C 204 11.18 -6.48 25.51
N ARG C 205 12.24 -6.70 24.73
CA ARG C 205 13.58 -6.34 25.16
C ARG C 205 13.74 -4.82 25.21
N ASP C 206 14.72 -4.38 25.99
CA ASP C 206 14.99 -2.95 26.12
C ASP C 206 15.65 -2.37 24.89
N GLU C 207 16.20 -3.21 24.01
CA GLU C 207 16.84 -2.73 22.80
C GLU C 207 15.80 -2.17 21.84
N ARG C 208 16.09 -1.00 21.27
CA ARG C 208 15.20 -0.31 20.34
C ARG C 208 15.94 0.02 19.06
N ARG C 209 16.65 -0.96 18.52
CA ARG C 209 17.44 -0.81 17.31
C ARG C 209 16.81 -1.46 16.09
N LYS C 210 16.34 -2.70 16.23
CA LYS C 210 15.80 -3.45 15.10
C LYS C 210 14.30 -3.20 14.92
N TRP C 211 13.51 -3.46 15.98
CA TRP C 211 12.07 -3.32 15.88
C TRP C 211 11.59 -1.88 15.89
N ILE C 212 12.50 -0.90 16.00
CA ILE C 212 12.09 0.50 16.00
C ILE C 212 11.68 0.98 14.61
N GLN C 213 12.15 0.32 13.55
CA GLN C 213 11.78 0.72 12.20
C GLN C 213 10.33 0.39 11.86
N CYS C 214 9.70 -0.51 12.62
CA CYS C 214 8.30 -0.84 12.36
C CYS C 214 7.38 0.32 12.70
N PHE C 215 7.80 1.23 13.56
CA PHE C 215 7.01 2.38 13.97
C PHE C 215 7.40 3.65 13.22
N ASN C 216 7.78 3.53 11.95
CA ASN C 216 8.14 4.69 11.15
C ASN C 216 6.89 5.34 10.57
N ASP C 217 6.99 6.65 10.31
CA ASP C 217 5.91 7.46 9.75
C ASP C 217 4.68 7.49 10.65
N VAL C 218 4.83 7.23 11.95
CA VAL C 218 3.73 7.30 12.89
C VAL C 218 3.45 8.77 13.19
N THR C 219 2.31 9.04 13.84
CA THR C 219 1.96 10.41 14.19
C THR C 219 2.97 11.01 15.16
N ALA C 220 3.16 10.37 16.31
CA ALA C 220 4.09 10.88 17.31
C ALA C 220 4.44 9.78 18.30
N ILE C 221 5.54 9.99 19.01
CA ILE C 221 5.98 9.12 20.08
C ILE C 221 5.86 9.88 21.39
N ILE C 222 5.48 9.18 22.45
CA ILE C 222 5.34 9.76 23.78
C ILE C 222 6.31 9.03 24.70
N PHE C 223 7.36 9.72 25.11
CA PHE C 223 8.33 9.17 26.05
C PHE C 223 7.96 9.57 27.46
N VAL C 224 8.06 8.61 28.38
CA VAL C 224 7.74 8.84 29.79
C VAL C 224 9.03 8.76 30.59
N VAL C 225 9.18 9.66 31.56
CA VAL C 225 10.36 9.70 32.41
C VAL C 225 9.94 10.11 33.81
N ASP C 226 10.47 9.41 34.81
CA ASP C 226 10.20 9.73 36.22
C ASP C 226 11.28 10.68 36.70
N SER C 227 10.93 11.97 36.81
CA SER C 227 11.90 12.98 37.21
C SER C 227 12.29 12.87 38.68
N SER C 228 11.52 12.12 39.48
CA SER C 228 11.84 11.97 40.89
C SER C 228 13.03 11.06 41.14
N ASP C 229 13.32 10.14 40.21
CA ASP C 229 14.44 9.20 40.34
C ASP C 229 15.67 9.83 39.72
N TYR C 230 16.54 10.40 40.57
CA TYR C 230 17.77 11.00 40.08
C TYR C 230 18.82 9.97 39.70
N ASN C 231 18.76 8.76 40.26
CA ASN C 231 19.76 7.74 39.95
C ASN C 231 19.61 7.25 38.51
N ARG C 232 18.39 6.90 38.11
CA ARG C 232 18.12 6.42 36.76
C ARG C 232 17.84 7.55 35.77
N LEU C 233 18.03 8.80 36.19
CA LEU C 233 17.80 9.91 35.27
C LEU C 233 18.86 9.96 34.18
N GLN C 234 20.09 9.58 34.49
CA GLN C 234 21.15 9.57 33.50
C GLN C 234 20.87 8.54 32.41
N GLU C 235 20.48 7.33 32.81
CA GLU C 235 20.12 6.31 31.83
C GLU C 235 18.89 6.72 31.03
N ALA C 236 17.95 7.41 31.68
CA ALA C 236 16.78 7.91 30.97
C ALA C 236 17.17 8.89 29.88
N LEU C 237 18.05 9.85 30.22
CA LEU C 237 18.52 10.80 29.22
C LEU C 237 19.31 10.10 28.12
N ASN C 238 20.08 9.08 28.48
CA ASN C 238 20.85 8.34 27.49
C ASN C 238 19.95 7.65 26.47
N ASP C 239 18.93 6.93 26.96
CA ASP C 239 18.03 6.25 26.04
C ASP C 239 17.18 7.24 25.25
N PHE C 240 16.82 8.38 25.85
CA PHE C 240 16.07 9.40 25.11
C PHE C 240 16.92 9.98 24.00
N LYS C 241 18.22 10.19 24.25
CA LYS C 241 19.10 10.69 23.20
C LYS C 241 19.32 9.64 22.11
N SER C 242 19.38 8.37 22.50
CA SER C 242 19.54 7.31 21.51
C SER C 242 18.29 7.19 20.63
N ILE C 243 17.12 7.39 21.22
CA ILE C 243 15.88 7.32 20.44
C ILE C 243 15.74 8.53 19.55
N TRP C 244 16.08 9.72 20.06
CA TRP C 244 15.93 10.94 19.27
C TRP C 244 16.89 10.97 18.09
N ASN C 245 18.12 10.50 18.29
CA ASN C 245 19.12 10.48 17.24
C ASN C 245 19.02 9.25 16.35
N ASN C 246 17.92 8.51 16.39
CA ASN C 246 17.74 7.35 15.55
C ASN C 246 17.60 7.76 14.09
N ARG C 247 18.14 6.94 13.19
CA ARG C 247 18.07 7.24 11.77
C ARG C 247 16.65 7.09 11.23
N TRP C 248 15.89 6.12 11.73
CA TRP C 248 14.53 5.90 11.27
C TRP C 248 13.52 6.80 11.98
N LEU C 249 13.96 7.64 12.91
CA LEU C 249 13.09 8.57 13.62
C LEU C 249 13.54 10.01 13.45
N ARG C 250 14.07 10.34 12.27
CA ARG C 250 14.56 11.68 12.01
C ARG C 250 13.45 12.68 11.70
N THR C 251 12.22 12.21 11.48
CA THR C 251 11.10 13.09 11.16
C THR C 251 9.87 12.74 11.98
N ILE C 252 10.08 12.16 13.16
CA ILE C 252 9.00 11.78 14.06
C ILE C 252 9.13 12.60 15.34
N SER C 253 8.05 13.27 15.73
CA SER C 253 8.07 14.10 16.93
C SER C 253 7.93 13.24 18.18
N VAL C 254 8.63 13.66 19.23
CA VAL C 254 8.65 12.97 20.51
C VAL C 254 8.23 13.94 21.60
N ILE C 255 7.24 13.53 22.40
CA ILE C 255 6.71 14.35 23.49
C ILE C 255 7.17 13.73 24.80
N LEU C 256 7.92 14.49 25.59
CA LEU C 256 8.45 14.02 26.86
C LEU C 256 7.49 14.35 27.99
N PHE C 257 7.19 13.36 28.83
CA PHE C 257 6.30 13.52 29.97
C PHE C 257 7.06 13.17 31.24
N LEU C 258 7.29 14.18 32.09
CA LEU C 258 7.97 14.00 33.37
C LEU C 258 6.90 13.69 34.42
N ASN C 259 6.69 12.40 34.66
CA ASN C 259 5.69 11.96 35.63
C ASN C 259 6.21 12.19 37.06
N LYS C 260 5.34 11.90 38.03
CA LYS C 260 5.65 12.04 39.45
C LYS C 260 6.05 13.47 39.78
N GLN C 261 5.22 14.43 39.37
CA GLN C 261 5.51 15.83 39.65
C GLN C 261 5.36 16.15 41.12
N ASP C 262 4.30 15.62 41.76
CA ASP C 262 4.11 15.85 43.19
C ASP C 262 5.22 15.19 44.00
N LEU C 263 5.66 13.99 43.59
CA LEU C 263 6.75 13.34 44.29
C LEU C 263 8.04 14.13 44.15
N LEU C 264 8.31 14.66 42.96
CA LEU C 264 9.51 15.48 42.77
C LEU C 264 9.42 16.76 43.61
N ALA C 265 8.24 17.37 43.69
CA ALA C 265 8.08 18.58 44.49
C ALA C 265 8.29 18.29 45.97
N GLU C 266 7.78 17.15 46.45
CA GLU C 266 7.99 16.79 47.85
C GLU C 266 9.45 16.42 48.12
N LYS C 267 10.15 15.90 47.12
CA LYS C 267 11.55 15.51 47.31
C LYS C 267 12.47 16.73 47.31
N VAL C 268 12.24 17.69 46.41
CA VAL C 268 13.10 18.87 46.36
C VAL C 268 12.88 19.80 47.55
N LEU C 269 11.74 19.67 48.23
CA LEU C 269 11.45 20.51 49.39
C LEU C 269 11.74 19.76 50.69
N ILE C 275 20.42 16.48 43.76
CA ILE C 275 20.39 16.79 42.34
C ILE C 275 21.77 17.32 41.91
N GLU C 276 22.46 17.99 42.83
CA GLU C 276 23.78 18.52 42.52
C GLU C 276 24.83 17.41 42.38
N ASP C 277 24.69 16.33 43.15
CA ASP C 277 25.64 15.24 43.06
C ASP C 277 25.55 14.52 41.72
N TYR C 278 24.35 14.44 41.14
CA TYR C 278 24.17 13.80 39.84
C TYR C 278 24.44 14.75 38.69
N PHE C 279 23.99 16.00 38.80
CA PHE C 279 24.22 17.01 37.77
C PHE C 279 24.69 18.29 38.43
N PRO C 280 26.00 18.60 38.36
CA PRO C 280 26.49 19.83 39.00
C PRO C 280 26.06 21.10 38.29
N GLU C 281 25.60 21.01 37.04
CA GLU C 281 25.18 22.20 36.31
C GLU C 281 24.01 22.89 37.00
N PHE C 282 23.19 22.14 37.75
CA PHE C 282 22.09 22.74 38.50
C PHE C 282 22.62 23.74 39.53
N ALA C 283 23.84 23.55 40.02
CA ALA C 283 24.43 24.51 40.94
C ALA C 283 24.77 25.83 40.28
N ARG C 284 24.91 25.85 38.95
CA ARG C 284 25.22 27.08 38.22
C ARG C 284 24.09 27.57 37.33
N TYR C 285 23.11 26.72 37.02
CA TYR C 285 22.01 27.13 36.16
C TYR C 285 20.93 27.86 36.95
N THR C 286 20.35 28.88 36.34
CA THR C 286 19.28 29.67 36.95
C THR C 286 18.09 29.71 36.01
N THR C 287 16.92 29.89 36.59
CA THR C 287 15.69 29.96 35.80
C THR C 287 15.68 31.24 34.96
N PRO C 288 15.17 31.18 33.74
CA PRO C 288 15.11 32.40 32.91
C PRO C 288 14.16 33.43 33.50
N GLU C 289 14.50 34.69 33.29
CA GLU C 289 13.69 35.80 33.79
C GLU C 289 12.42 35.96 32.97
N TYR C 306 12.83 24.09 36.15
CA TYR C 306 13.07 24.27 34.73
C TYR C 306 14.39 23.63 34.31
N PHE C 307 15.11 23.05 35.27
CA PHE C 307 16.39 22.42 34.96
C PHE C 307 16.19 21.16 34.14
N ILE C 308 15.21 20.33 34.50
CA ILE C 308 14.97 19.10 33.75
C ILE C 308 14.50 19.42 32.33
N ARG C 309 13.60 20.39 32.19
CA ARG C 309 13.14 20.79 30.86
C ARG C 309 14.28 21.36 30.03
N LYS C 310 15.14 22.18 30.64
CA LYS C 310 16.28 22.73 29.92
C LYS C 310 17.23 21.63 29.47
N GLU C 311 17.47 20.64 30.34
CA GLU C 311 18.36 19.53 29.97
C GLU C 311 17.76 18.71 28.84
N PHE C 312 16.45 18.48 28.87
CA PHE C 312 15.79 17.75 27.78
C PHE C 312 15.87 18.52 26.48
N VAL C 313 15.66 19.84 26.53
CA VAL C 313 15.77 20.65 25.32
C VAL C 313 17.18 20.62 24.76
N ASP C 314 18.18 20.69 25.65
CA ASP C 314 19.57 20.68 25.20
C ASP C 314 19.95 19.33 24.61
N ILE C 315 19.46 18.24 25.20
CA ILE C 315 19.79 16.91 24.67
C ILE C 315 18.97 16.56 23.43
N SER C 316 17.86 17.25 23.20
CA SER C 316 17.07 17.02 21.99
C SER C 316 17.59 17.84 20.81
N THR C 317 17.84 19.13 21.03
CA THR C 317 18.31 20.00 19.96
C THR C 317 19.79 19.82 19.65
N ALA C 318 20.47 18.89 20.31
CA ALA C 318 21.89 18.66 20.06
C ALA C 318 22.10 17.95 18.73
N HIS C 324 11.76 17.34 13.23
CA HIS C 324 11.07 16.95 14.45
C HIS C 324 11.49 17.81 15.63
N ILE C 325 10.52 18.24 16.43
CA ILE C 325 10.76 19.09 17.59
C ILE C 325 10.14 18.42 18.81
N CYS C 326 10.86 18.47 19.94
CA CYS C 326 10.38 17.86 21.16
C CYS C 326 9.35 18.75 21.85
N TYR C 327 8.55 18.15 22.73
CA TYR C 327 7.52 18.85 23.48
C TYR C 327 7.61 18.43 24.94
N PRO C 328 8.48 19.08 25.72
CA PRO C 328 8.60 18.74 27.14
C PRO C 328 7.41 19.25 27.93
N HIS C 329 6.77 18.34 28.67
CA HIS C 329 5.63 18.67 29.50
C HIS C 329 5.79 18.01 30.87
N PHE C 330 4.91 18.38 31.80
CA PHE C 330 4.93 17.85 33.15
C PHE C 330 3.57 17.23 33.45
N THR C 331 3.58 15.97 33.89
CA THR C 331 2.37 15.24 34.24
C THR C 331 2.54 14.60 35.60
N CYS C 332 1.48 13.95 36.08
CA CYS C 332 1.49 13.28 37.37
C CYS C 332 0.43 12.19 37.36
N SER C 333 0.25 11.55 38.51
CA SER C 333 -0.71 10.46 38.63
C SER C 333 -2.13 10.94 38.90
N VAL C 334 -2.31 12.20 39.27
CA VAL C 334 -3.64 12.76 39.55
C VAL C 334 -4.08 13.76 38.51
N ASP C 335 -3.30 13.97 37.46
CA ASP C 335 -3.68 14.92 36.41
C ASP C 335 -4.84 14.37 35.60
N THR C 336 -5.83 15.21 35.33
CA THR C 336 -7.00 14.83 34.55
C THR C 336 -7.06 15.48 33.18
N GLU C 337 -6.40 16.62 32.99
CA GLU C 337 -6.38 17.31 31.71
C GLU C 337 -5.22 16.89 30.82
N ASN C 338 -4.56 15.79 31.14
CA ASN C 338 -3.45 15.32 30.31
C ASN C 338 -3.93 14.89 28.92
N ALA C 339 -5.15 14.36 28.84
CA ALA C 339 -5.68 13.96 27.54
C ALA C 339 -5.84 15.16 26.61
N ARG C 340 -6.33 16.28 27.13
CA ARG C 340 -6.47 17.48 26.32
C ARG C 340 -5.10 18.03 25.91
N ARG C 341 -4.10 17.93 26.79
CA ARG C 341 -2.75 18.36 26.41
C ARG C 341 -2.18 17.49 25.30
N ILE C 342 -2.36 16.17 25.39
CA ILE C 342 -1.90 15.28 24.33
C ILE C 342 -2.64 15.57 23.03
N PHE C 343 -3.94 15.88 23.12
CA PHE C 343 -4.71 16.21 21.93
C PHE C 343 -4.18 17.48 21.27
N ASN C 344 -3.93 18.53 22.07
CA ASN C 344 -3.39 19.76 21.51
C ASN C 344 -2.02 19.55 20.90
N ASP C 345 -1.19 18.72 21.54
CA ASP C 345 0.14 18.45 21.00
C ASP C 345 0.06 17.72 19.68
N CYS C 346 -0.75 16.66 19.61
CA CYS C 346 -0.93 15.88 18.40
C CYS C 346 -1.66 16.64 17.30
N LYS C 347 -2.37 17.71 17.66
CA LYS C 347 -2.97 18.60 16.67
C LYS C 347 -1.98 19.62 16.13
N ASP C 348 -1.14 20.19 16.99
CA ASP C 348 -0.08 21.07 16.51
C ASP C 348 0.93 20.32 15.65
N ILE C 349 1.19 19.05 15.99
CA ILE C 349 2.09 18.24 15.17
C ILE C 349 1.51 18.01 13.79
N ILE C 350 0.22 17.67 13.73
CA ILE C 350 -0.44 17.46 12.43
C ILE C 350 -0.48 18.77 11.64
N LEU C 351 -0.68 19.90 12.32
CA LEU C 351 -0.68 21.19 11.63
C LEU C 351 0.70 21.50 11.05
N GLN C 352 1.76 21.24 11.81
CA GLN C 352 3.11 21.46 11.30
C GLN C 352 3.43 20.52 10.14
N MET C 353 2.95 19.28 10.22
CA MET C 353 3.15 18.34 9.12
C MET C 353 2.43 18.81 7.86
N ASN C 354 1.20 19.32 8.02
CA ASN C 354 0.47 19.84 6.87
C ASN C 354 1.17 21.08 6.30
N LEU C 355 1.73 21.92 7.16
CA LEU C 355 2.44 23.10 6.68
C LEU C 355 3.70 22.72 5.92
N ARG C 356 4.45 21.72 6.40
CA ARG C 356 5.65 21.31 5.70
C ARG C 356 5.34 20.49 4.45
N GLU C 357 4.17 19.86 4.38
CA GLU C 357 3.79 19.15 3.16
C GLU C 357 3.28 20.12 2.09
N TYR C 358 2.45 21.09 2.48
CA TYR C 358 1.95 22.09 1.55
C TYR C 358 2.96 23.18 1.23
N ASN C 359 4.19 23.06 1.74
CA ASN C 359 5.24 24.06 1.52
C ASN C 359 4.79 25.44 2.02
N LEU C 360 4.20 25.45 3.21
CA LEU C 360 3.70 26.68 3.82
C LEU C 360 4.45 27.07 5.09
N VAL C 361 5.53 26.37 5.42
CA VAL C 361 6.32 26.70 6.60
C VAL C 361 7.12 27.97 6.36
N GLU D 6 38.91 -19.69 37.59
CA GLU D 6 38.58 -20.91 36.85
C GLU D 6 37.90 -20.57 35.52
N LEU D 7 37.02 -19.56 35.55
CA LEU D 7 36.32 -19.16 34.33
C LEU D 7 37.27 -18.55 33.31
N ASP D 8 38.34 -17.89 33.77
CA ASP D 8 39.30 -17.30 32.85
C ASP D 8 40.01 -18.36 32.02
N GLN D 9 40.30 -19.51 32.62
CA GLN D 9 40.94 -20.60 31.89
C GLN D 9 40.02 -21.13 30.79
N LEU D 10 38.75 -21.36 31.11
CA LEU D 10 37.81 -21.82 30.09
C LEU D 10 37.63 -20.77 29.00
N ARG D 11 37.61 -19.49 29.37
CA ARG D 11 37.44 -18.43 28.37
C ARG D 11 38.64 -18.36 27.42
N GLN D 12 39.86 -18.42 27.97
CA GLN D 12 41.03 -18.39 27.11
C GLN D 12 41.16 -19.66 26.27
N GLU D 13 40.71 -20.80 26.80
CA GLU D 13 40.72 -22.02 26.01
C GLU D 13 39.72 -21.93 24.86
N ALA D 14 38.54 -21.36 25.11
CA ALA D 14 37.57 -21.16 24.04
C ALA D 14 38.09 -20.17 22.99
N GLU D 15 38.79 -19.13 23.44
CA GLU D 15 39.38 -18.18 22.50
C GLU D 15 40.45 -18.84 21.66
N GLN D 16 41.27 -19.70 22.27
CA GLN D 16 42.28 -20.43 21.51
C GLN D 16 41.64 -21.38 20.50
N LEU D 17 40.53 -22.03 20.89
CA LEU D 17 39.83 -22.90 19.96
C LEU D 17 39.26 -22.10 18.79
N LYS D 18 38.70 -20.92 19.07
CA LYS D 18 38.18 -20.08 17.99
C LYS D 18 39.30 -19.62 17.07
N ASN D 19 40.46 -19.27 17.63
CA ASN D 19 41.59 -18.87 16.80
C ASN D 19 42.08 -20.03 15.94
N GLN D 20 42.09 -21.25 16.50
CA GLN D 20 42.50 -22.41 15.73
C GLN D 20 41.51 -22.70 14.60
N ILE D 21 40.21 -22.55 14.88
CA ILE D 21 39.21 -22.75 13.83
C ILE D 21 39.37 -21.70 12.73
N ARG D 22 39.65 -20.46 13.11
CA ARG D 22 39.86 -19.41 12.11
C ARG D 22 41.09 -19.71 11.26
N ASP D 23 42.18 -20.16 11.89
CA ASP D 23 43.39 -20.49 11.15
C ASP D 23 43.15 -21.68 10.22
N ALA D 24 42.35 -22.65 10.65
CA ALA D 24 42.04 -23.79 9.80
C ALA D 24 41.18 -23.37 8.61
N ARG D 25 40.21 -22.49 8.83
CA ARG D 25 39.38 -22.00 7.73
C ARG D 25 40.18 -21.13 6.78
N LYS D 26 41.21 -20.43 7.28
CA LYS D 26 42.03 -19.60 6.40
C LYS D 26 43.05 -20.41 5.62
N ALA D 27 43.59 -21.48 6.22
CA ALA D 27 44.61 -22.26 5.55
C ALA D 27 44.07 -23.14 4.44
N CYS D 28 42.83 -23.63 4.59
CA CYS D 28 42.24 -24.50 3.58
C CYS D 28 41.89 -23.77 2.29
N ALA D 29 41.91 -22.43 2.29
CA ALA D 29 41.62 -21.64 1.11
C ALA D 29 42.83 -21.65 0.20
N ASP D 30 42.74 -22.35 -0.94
CA ASP D 30 43.83 -22.42 -1.90
C ASP D 30 43.64 -21.48 -3.08
N ALA D 31 42.40 -21.19 -3.46
CA ALA D 31 42.13 -20.30 -4.57
C ALA D 31 40.77 -19.65 -4.37
N THR D 32 40.72 -18.33 -4.51
CA THR D 32 39.48 -17.60 -4.34
C THR D 32 38.56 -17.84 -5.54
N LEU D 33 37.29 -17.45 -5.37
CA LEU D 33 36.31 -17.61 -6.43
C LEU D 33 36.48 -16.60 -7.56
N SER D 34 37.15 -15.49 -7.31
CA SER D 34 37.37 -14.49 -8.36
C SER D 34 38.30 -15.04 -9.44
N GLN D 35 39.32 -15.80 -9.04
CA GLN D 35 40.24 -16.38 -10.02
C GLN D 35 39.61 -17.54 -10.77
N ILE D 36 38.65 -18.22 -10.15
CA ILE D 36 38.01 -19.36 -10.80
C ILE D 36 36.92 -18.89 -11.76
N THR D 37 36.15 -17.87 -11.36
CA THR D 37 35.08 -17.33 -12.19
C THR D 37 35.52 -16.16 -13.05
N ASN D 38 36.80 -16.09 -13.40
CA ASN D 38 37.32 -15.00 -14.23
C ASN D 38 37.20 -15.30 -15.72
N ASN D 39 37.38 -16.57 -16.11
CA ASN D 39 37.31 -16.97 -17.52
C ASN D 39 35.92 -17.45 -17.91
N ILE D 40 34.87 -16.98 -17.24
CA ILE D 40 33.50 -17.36 -17.55
C ILE D 40 32.82 -16.20 -18.25
N ASP D 41 31.81 -16.52 -19.05
CA ASP D 41 31.10 -15.50 -19.79
C ASP D 41 30.20 -14.68 -18.85
N PRO D 42 30.17 -13.36 -19.00
CA PRO D 42 29.31 -12.54 -18.14
C PRO D 42 27.84 -12.73 -18.50
N VAL D 43 26.99 -12.06 -17.71
CA VAL D 43 25.55 -12.12 -17.93
C VAL D 43 25.02 -10.91 -18.70
N GLY D 44 25.73 -9.80 -18.68
CA GLY D 44 25.31 -8.60 -19.42
C GLY D 44 24.49 -7.67 -18.54
N ARG D 45 23.28 -7.35 -18.98
CA ARG D 45 22.38 -6.46 -18.25
C ARG D 45 20.97 -7.02 -18.33
N ILE D 46 20.40 -7.37 -17.17
CA ILE D 46 19.04 -7.90 -17.09
C ILE D 46 18.14 -6.73 -16.75
N GLN D 47 17.58 -6.10 -17.80
CA GLN D 47 16.71 -4.93 -17.63
C GLN D 47 15.28 -5.42 -17.54
N MET D 48 14.81 -5.62 -16.31
CA MET D 48 13.45 -6.07 -16.09
C MET D 48 12.48 -4.89 -16.15
N ARG D 49 11.21 -5.21 -16.40
CA ARG D 49 10.15 -4.21 -16.50
C ARG D 49 8.97 -4.63 -15.63
N THR D 50 8.14 -3.64 -15.31
CA THR D 50 6.97 -3.88 -14.47
C THR D 50 5.89 -4.60 -15.28
N ARG D 51 5.71 -5.89 -15.01
CA ARG D 51 4.68 -6.66 -15.72
C ARG D 51 3.31 -6.42 -15.10
N ARG D 52 3.16 -6.72 -13.81
CA ARG D 52 1.93 -6.47 -13.07
C ARG D 52 2.16 -5.41 -12.00
N THR D 53 1.07 -4.77 -11.60
CA THR D 53 1.10 -3.72 -10.58
C THR D 53 0.09 -4.07 -9.50
N LEU D 54 0.56 -4.32 -8.29
CA LEU D 54 -0.29 -4.72 -7.16
C LEU D 54 -0.37 -3.55 -6.19
N ARG D 55 -1.47 -2.82 -6.24
CA ARG D 55 -1.71 -1.68 -5.36
C ARG D 55 -2.95 -1.91 -4.50
N GLY D 56 -3.12 -3.15 -4.02
CA GLY D 56 -4.30 -3.48 -3.25
C GLY D 56 -4.21 -3.07 -1.79
N HIS D 57 -3.01 -3.08 -1.22
CA HIS D 57 -2.84 -2.73 0.18
C HIS D 57 -3.11 -1.25 0.41
N LEU D 58 -3.30 -0.89 1.68
CA LEU D 58 -3.56 0.49 2.06
C LEU D 58 -2.45 1.11 2.89
N ALA D 59 -1.55 0.30 3.46
CA ALA D 59 -0.43 0.83 4.24
C ALA D 59 0.88 0.27 3.72
N LYS D 60 1.97 0.51 4.44
CA LYS D 60 3.28 0.07 4.00
C LYS D 60 3.38 -1.45 4.06
N ILE D 61 3.76 -2.06 2.95
CA ILE D 61 3.97 -3.51 2.90
C ILE D 61 5.29 -3.84 3.55
N TYR D 62 5.32 -4.93 4.32
CA TYR D 62 6.50 -5.31 5.08
C TYR D 62 7.19 -6.54 4.53
N ALA D 63 6.46 -7.64 4.32
CA ALA D 63 7.07 -8.88 3.89
C ALA D 63 6.12 -9.61 2.94
N MET D 64 6.67 -10.59 2.23
CA MET D 64 5.90 -11.41 1.32
C MET D 64 6.65 -12.72 1.09
N HIS D 65 5.95 -13.70 0.53
CA HIS D 65 6.53 -15.01 0.31
C HIS D 65 5.79 -15.71 -0.83
N TRP D 66 6.53 -16.51 -1.58
CA TRP D 66 5.98 -17.29 -2.68
C TRP D 66 5.81 -18.76 -2.27
N GLY D 67 4.92 -19.44 -2.98
CA GLY D 67 4.66 -20.84 -2.76
C GLY D 67 5.09 -21.71 -3.93
N THR D 68 4.55 -22.93 -3.96
CA THR D 68 4.87 -23.85 -5.05
C THR D 68 4.29 -23.35 -6.37
N ASP D 69 3.05 -22.86 -6.35
CA ASP D 69 2.41 -22.33 -7.54
C ASP D 69 2.72 -20.85 -7.68
N SER D 70 3.11 -20.43 -8.88
CA SER D 70 3.44 -19.04 -9.14
C SER D 70 2.23 -18.15 -9.30
N ARG D 71 1.02 -18.69 -9.13
CA ARG D 71 -0.20 -17.89 -9.28
C ARG D 71 -0.49 -17.11 -8.00
N LEU D 72 -0.67 -17.81 -6.88
CA LEU D 72 -0.99 -17.15 -5.62
C LEU D 72 0.24 -16.46 -5.04
N LEU D 73 -0.02 -15.39 -4.30
CA LEU D 73 1.05 -14.63 -3.65
C LEU D 73 0.47 -13.96 -2.42
N VAL D 74 1.14 -14.14 -1.28
CA VAL D 74 0.70 -13.60 0.00
C VAL D 74 1.54 -12.37 0.34
N SER D 75 0.91 -11.37 0.94
CA SER D 75 1.58 -10.14 1.30
C SER D 75 1.00 -9.60 2.61
N ALA D 76 1.86 -8.99 3.42
CA ALA D 76 1.48 -8.43 4.70
C ALA D 76 1.86 -6.96 4.77
N SER D 77 1.03 -6.17 5.43
CA SER D 77 1.24 -4.74 5.59
C SER D 77 1.19 -4.38 7.07
N GLN D 78 1.43 -3.09 7.36
CA GLN D 78 1.42 -2.60 8.73
C GLN D 78 0.03 -2.30 9.25
N ASP D 79 -1.03 -2.64 8.50
CA ASP D 79 -2.39 -2.42 8.94
C ASP D 79 -3.04 -3.67 9.52
N GLY D 80 -2.63 -4.85 9.07
CA GLY D 80 -3.21 -6.09 9.57
C GLY D 80 -4.15 -6.74 8.58
N LYS D 81 -3.83 -6.62 7.29
CA LYS D 81 -4.64 -7.20 6.21
C LYS D 81 -3.72 -8.11 5.40
N LEU D 82 -3.72 -9.40 5.72
CA LEU D 82 -2.92 -10.38 4.99
C LEU D 82 -3.64 -10.67 3.68
N ILE D 83 -3.08 -10.16 2.58
CA ILE D 83 -3.73 -10.24 1.28
C ILE D 83 -3.07 -11.33 0.44
N ILE D 84 -3.86 -12.32 0.05
CA ILE D 84 -3.42 -13.37 -0.87
C ILE D 84 -4.13 -13.13 -2.21
N TRP D 85 -3.35 -12.89 -3.26
CA TRP D 85 -3.92 -12.52 -4.55
C TRP D 85 -3.19 -13.25 -5.67
N ASP D 86 -3.85 -13.32 -6.82
CA ASP D 86 -3.31 -14.01 -7.98
C ASP D 86 -2.34 -13.10 -8.73
N SER D 87 -1.15 -13.63 -9.03
CA SER D 87 -0.13 -12.87 -9.74
C SER D 87 -0.38 -12.80 -11.23
N TYR D 88 -1.36 -13.54 -11.75
CA TYR D 88 -1.60 -13.58 -13.19
C TYR D 88 -2.58 -12.49 -13.63
N THR D 89 -3.79 -12.50 -13.07
CA THR D 89 -4.85 -11.60 -13.48
C THR D 89 -5.17 -10.56 -12.42
N THR D 90 -4.26 -10.33 -11.47
CA THR D 90 -4.39 -9.33 -10.41
C THR D 90 -5.63 -9.57 -9.54
N ASN D 91 -6.17 -10.78 -9.54
CA ASN D 91 -7.36 -11.07 -8.74
C ASN D 91 -6.98 -11.31 -7.28
N LYS D 92 -7.73 -10.68 -6.38
CA LYS D 92 -7.54 -10.85 -4.95
C LYS D 92 -8.31 -12.08 -4.49
N VAL D 93 -7.58 -13.08 -3.98
CA VAL D 93 -8.20 -14.34 -3.59
C VAL D 93 -8.79 -14.24 -2.19
N HIS D 94 -7.99 -13.78 -1.22
CA HIS D 94 -8.45 -13.68 0.15
C HIS D 94 -7.82 -12.46 0.82
N ALA D 95 -8.53 -11.91 1.79
CA ALA D 95 -8.06 -10.79 2.60
C ALA D 95 -8.34 -11.13 4.07
N ILE D 96 -7.31 -11.57 4.78
CA ILE D 96 -7.46 -12.01 6.17
C ILE D 96 -7.28 -10.79 7.06
N PRO D 97 -8.30 -10.38 7.83
CA PRO D 97 -8.14 -9.29 8.79
C PRO D 97 -7.47 -9.78 10.07
N LEU D 98 -6.24 -9.31 10.29
CA LEU D 98 -5.47 -9.76 11.45
C LEU D 98 -5.91 -9.03 12.71
N ARG D 99 -5.71 -9.69 13.85
CA ARG D 99 -6.11 -9.11 15.13
C ARG D 99 -5.27 -7.87 15.48
N SER D 100 -4.05 -7.79 14.96
CA SER D 100 -3.17 -6.66 15.19
C SER D 100 -2.86 -5.97 13.87
N SER D 101 -1.99 -4.96 13.94
CA SER D 101 -1.62 -4.17 12.77
C SER D 101 -0.16 -4.35 12.36
N TRP D 102 0.76 -4.20 13.30
CA TRP D 102 2.20 -4.26 12.99
C TRP D 102 2.59 -5.71 12.69
N VAL D 103 2.82 -6.00 11.41
CA VAL D 103 3.22 -7.32 10.96
C VAL D 103 4.66 -7.23 10.45
N MET D 104 5.46 -8.25 10.75
CA MET D 104 6.86 -8.27 10.36
C MET D 104 7.23 -9.43 9.44
N THR D 105 6.39 -10.45 9.31
CA THR D 105 6.71 -11.59 8.46
C THR D 105 5.42 -12.29 8.06
N CYS D 106 5.52 -13.11 7.02
CA CYS D 106 4.40 -13.90 6.53
C CYS D 106 4.95 -15.01 5.65
N ALA D 107 4.25 -16.14 5.62
CA ALA D 107 4.69 -17.30 4.88
C ALA D 107 3.50 -17.93 4.17
N TYR D 108 3.80 -18.89 3.29
CA TYR D 108 2.79 -19.61 2.52
C TYR D 108 3.21 -21.07 2.43
N ALA D 109 2.35 -21.96 2.92
CA ALA D 109 2.67 -23.38 2.94
C ALA D 109 2.77 -23.92 1.52
N PRO D 110 3.63 -24.92 1.29
CA PRO D 110 3.73 -25.50 -0.06
C PRO D 110 2.42 -26.09 -0.56
N SER D 111 1.63 -26.69 0.32
CA SER D 111 0.34 -27.25 -0.07
C SER D 111 -0.74 -26.19 -0.23
N GLY D 112 -0.48 -24.95 0.18
CA GLY D 112 -1.46 -23.90 0.05
C GLY D 112 -2.63 -24.01 1.00
N ASN D 113 -2.49 -24.76 2.09
CA ASN D 113 -3.59 -24.97 3.03
C ASN D 113 -3.50 -24.06 4.26
N TYR D 114 -2.32 -23.55 4.59
CA TYR D 114 -2.14 -22.71 5.77
C TYR D 114 -1.20 -21.58 5.46
N VAL D 115 -1.39 -20.45 6.16
CA VAL D 115 -0.53 -19.28 6.05
C VAL D 115 -0.20 -18.81 7.46
N ALA D 116 0.99 -18.22 7.60
CA ALA D 116 1.47 -17.73 8.89
C ALA D 116 1.71 -16.23 8.82
N CYS D 117 1.68 -15.60 9.99
CA CYS D 117 1.92 -14.17 10.10
C CYS D 117 2.20 -13.84 11.57
N GLY D 118 3.02 -12.83 11.79
CA GLY D 118 3.35 -12.45 13.15
C GLY D 118 4.11 -11.14 13.18
N GLY D 119 4.65 -10.84 14.36
CA GLY D 119 5.41 -9.61 14.55
C GLY D 119 5.70 -9.34 16.01
N LEU D 120 5.44 -8.11 16.46
CA LEU D 120 5.64 -7.75 17.85
C LEU D 120 4.59 -8.33 18.78
N ASP D 121 3.59 -9.04 18.24
CA ASP D 121 2.53 -9.62 19.07
C ASP D 121 3.00 -10.82 19.87
N ASN D 122 4.16 -11.40 19.54
CA ASN D 122 4.69 -12.59 20.20
C ASN D 122 3.78 -13.80 20.05
N ILE D 123 2.84 -13.75 19.11
CA ILE D 123 1.89 -14.84 18.87
C ILE D 123 1.78 -15.04 17.36
N CYS D 124 2.03 -16.27 16.92
CA CYS D 124 1.95 -16.63 15.51
C CYS D 124 0.55 -17.14 15.22
N SER D 125 -0.18 -16.45 14.35
CA SER D 125 -1.55 -16.81 13.99
C SER D 125 -1.55 -17.54 12.65
N ILE D 126 -1.67 -18.86 12.70
CA ILE D 126 -1.74 -19.66 11.48
C ILE D 126 -3.20 -19.88 11.12
N TYR D 127 -3.58 -19.48 9.91
CA TYR D 127 -4.94 -19.58 9.41
C TYR D 127 -5.04 -20.69 8.38
N ASN D 128 -6.27 -20.99 7.97
CA ASN D 128 -6.54 -22.02 6.98
C ASN D 128 -7.15 -21.38 5.74
N LEU D 129 -6.85 -21.96 4.58
CA LEU D 129 -7.41 -21.49 3.31
C LEU D 129 -8.42 -22.45 2.71
N LYS D 130 -8.32 -23.75 3.00
CA LYS D 130 -9.26 -24.74 2.49
C LYS D 130 -10.38 -25.05 3.47
N THR D 131 -10.78 -24.08 4.28
CA THR D 131 -11.84 -24.28 5.25
C THR D 131 -13.17 -24.54 4.54
N ARG D 132 -13.93 -25.52 5.05
CA ARG D 132 -15.22 -25.84 4.45
C ARG D 132 -16.19 -24.67 4.58
N GLU D 133 -16.03 -23.83 5.59
CA GLU D 133 -16.90 -22.67 5.77
C GLU D 133 -16.62 -21.58 4.75
N GLY D 134 -15.53 -21.65 4.01
CA GLY D 134 -15.18 -20.67 3.00
C GLY D 134 -14.40 -19.48 3.50
N ASN D 135 -14.83 -18.91 4.63
CA ASN D 135 -14.13 -17.77 5.20
C ASN D 135 -12.86 -18.23 5.92
N VAL D 136 -12.01 -17.26 6.24
CA VAL D 136 -10.75 -17.53 6.91
C VAL D 136 -10.98 -17.50 8.43
N ARG D 137 -10.71 -18.62 9.09
CA ARG D 137 -10.87 -18.75 10.52
C ARG D 137 -9.52 -19.05 11.17
N VAL D 138 -9.34 -18.54 12.39
CA VAL D 138 -8.09 -18.78 13.11
C VAL D 138 -7.96 -20.25 13.42
N SER D 139 -6.88 -20.86 12.92
CA SER D 139 -6.64 -22.28 13.09
C SER D 139 -5.70 -22.60 14.24
N ARG D 140 -4.61 -21.84 14.39
CA ARG D 140 -3.65 -22.09 15.45
C ARG D 140 -3.08 -20.78 15.95
N GLU D 141 -2.90 -20.67 17.26
CA GLU D 141 -2.32 -19.49 17.90
C GLU D 141 -1.09 -19.95 18.69
N LEU D 142 0.04 -20.00 18.01
CA LEU D 142 1.30 -20.39 18.65
C LEU D 142 1.76 -19.26 19.57
N ALA D 143 1.75 -19.52 20.87
CA ALA D 143 2.16 -18.53 21.87
C ALA D 143 3.18 -19.13 22.81
N GLY D 144 4.04 -18.29 23.34
CA GLY D 144 5.09 -18.73 24.25
C GLY D 144 6.40 -18.02 24.05
N HIS D 145 6.50 -17.25 22.97
CA HIS D 145 7.73 -16.52 22.68
C HIS D 145 7.88 -15.33 23.64
N THR D 146 9.10 -14.79 23.69
CA THR D 146 9.40 -13.61 24.49
C THR D 146 10.05 -12.51 23.66
N GLY D 147 9.85 -12.53 22.34
CA GLY D 147 10.42 -11.52 21.47
C GLY D 147 9.61 -11.38 20.21
N TYR D 148 9.83 -10.26 19.52
CA TYR D 148 9.09 -9.98 18.30
C TYR D 148 9.45 -10.99 17.21
N LEU D 149 8.42 -11.46 16.50
CA LEU D 149 8.63 -12.44 15.43
C LEU D 149 9.29 -11.76 14.24
N SER D 150 10.46 -12.26 13.84
CA SER D 150 11.21 -11.67 12.74
C SER D 150 10.90 -12.34 11.41
N CYS D 151 11.02 -13.66 11.34
CA CYS D 151 10.76 -14.39 10.11
C CYS D 151 10.28 -15.79 10.44
N CYS D 152 9.38 -16.31 9.61
CA CYS D 152 8.83 -17.64 9.80
C CYS D 152 8.48 -18.22 8.43
N ARG D 153 8.69 -19.53 8.29
CA ARG D 153 8.39 -20.24 7.06
C ARG D 153 7.76 -21.59 7.40
N PHE D 154 7.14 -22.20 6.40
CA PHE D 154 6.47 -23.49 6.57
C PHE D 154 7.44 -24.59 6.14
N LEU D 155 7.95 -25.34 7.12
CA LEU D 155 8.79 -26.49 6.82
C LEU D 155 7.96 -27.67 6.33
N ASP D 156 6.74 -27.82 6.83
CA ASP D 156 5.86 -28.91 6.43
C ASP D 156 4.42 -28.46 6.66
N ASP D 157 3.48 -29.30 6.22
CA ASP D 157 2.06 -28.99 6.38
C ASP D 157 1.60 -29.05 7.83
N ASN D 158 2.43 -29.54 8.74
CA ASN D 158 2.07 -29.64 10.15
C ASN D 158 3.12 -29.10 11.11
N GLN D 159 4.38 -28.99 10.70
CA GLN D 159 5.46 -28.53 11.57
C GLN D 159 6.22 -27.41 10.87
N ILE D 160 6.55 -26.37 11.62
CA ILE D 160 7.22 -25.20 11.05
C ILE D 160 8.11 -24.57 12.11
N VAL D 161 9.24 -24.02 11.68
CA VAL D 161 10.17 -23.34 12.56
C VAL D 161 9.80 -21.86 12.60
N THR D 162 10.05 -21.21 13.74
CA THR D 162 9.72 -19.81 13.92
C THR D 162 10.76 -19.16 14.80
N SER D 163 11.28 -18.01 14.35
CA SER D 163 12.24 -17.22 15.10
C SER D 163 11.53 -16.10 15.85
N SER D 164 12.25 -15.50 16.79
CA SER D 164 11.71 -14.43 17.61
C SER D 164 12.83 -13.45 17.95
N GLY D 165 12.44 -12.33 18.54
CA GLY D 165 13.39 -11.30 18.91
C GLY D 165 14.21 -11.59 20.15
N ASP D 166 13.93 -12.71 20.84
CA ASP D 166 14.64 -13.08 22.06
C ASP D 166 15.84 -13.97 21.78
N THR D 167 16.43 -13.87 20.59
CA THR D 167 17.63 -14.59 20.15
C THR D 167 17.42 -16.10 20.07
N THR D 168 16.19 -16.59 20.23
CA THR D 168 15.92 -18.03 20.20
C THR D 168 14.92 -18.35 19.09
N CYS D 169 14.99 -19.59 18.62
CA CYS D 169 14.05 -20.11 17.63
C CYS D 169 13.41 -21.38 18.17
N ALA D 170 12.21 -21.68 17.67
CA ALA D 170 11.47 -22.84 18.17
C ALA D 170 10.74 -23.51 17.02
N LEU D 171 10.69 -24.84 17.06
CA LEU D 171 9.99 -25.64 16.07
C LEU D 171 8.62 -26.01 16.62
N TRP D 172 7.57 -25.43 16.04
CA TRP D 172 6.21 -25.63 16.50
C TRP D 172 5.47 -26.59 15.58
N ASP D 173 4.42 -27.21 16.14
CA ASP D 173 3.54 -28.08 15.41
C ASP D 173 2.16 -27.43 15.27
N ILE D 174 1.57 -27.53 14.08
CA ILE D 174 0.26 -26.93 13.86
C ILE D 174 -0.81 -27.65 14.68
N GLU D 175 -0.70 -28.97 14.80
CA GLU D 175 -1.68 -29.74 15.55
C GLU D 175 -1.42 -29.68 17.05
N THR D 176 -0.15 -29.81 17.46
CA THR D 176 0.17 -29.80 18.88
C THR D 176 0.18 -28.38 19.45
N GLY D 177 1.01 -27.51 18.87
CA GLY D 177 1.09 -26.14 19.34
C GLY D 177 2.05 -25.92 20.48
N GLN D 178 3.10 -26.74 20.60
CA GLN D 178 4.08 -26.60 21.67
C GLN D 178 5.48 -26.68 21.07
N GLN D 179 6.47 -26.25 21.86
CA GLN D 179 7.86 -26.24 21.44
C GLN D 179 8.43 -27.65 21.58
N THR D 180 8.55 -28.35 20.45
CA THR D 180 9.17 -29.68 20.47
C THR D 180 10.69 -29.59 20.36
N THR D 181 11.21 -28.45 19.90
CA THR D 181 12.66 -28.27 19.77
C THR D 181 12.96 -26.78 19.82
N THR D 182 13.64 -26.34 20.88
CA THR D 182 14.04 -24.95 21.04
C THR D 182 15.54 -24.84 20.85
N PHE D 183 15.97 -24.03 19.89
CA PHE D 183 17.37 -23.91 19.57
C PHE D 183 18.09 -23.02 20.57
N THR D 184 19.42 -23.14 20.60
CA THR D 184 20.23 -22.38 21.54
C THR D 184 20.16 -20.90 21.21
N GLY D 185 20.07 -20.08 22.26
CA GLY D 185 20.00 -18.65 22.07
C GLY D 185 21.28 -18.06 21.51
N HIS D 186 21.12 -16.94 20.81
CA HIS D 186 22.23 -16.25 20.17
C HIS D 186 22.66 -15.06 21.03
N THR D 187 23.61 -14.28 20.52
CA THR D 187 24.06 -13.07 21.17
C THR D 187 23.44 -11.81 20.57
N GLY D 188 22.58 -11.96 19.56
CA GLY D 188 21.91 -10.84 18.95
C GLY D 188 20.53 -11.24 18.49
N ASP D 189 19.66 -10.23 18.37
CA ASP D 189 18.27 -10.48 18.00
C ASP D 189 18.20 -11.08 16.59
N VAL D 190 17.41 -12.16 16.46
CA VAL D 190 17.25 -12.81 15.18
C VAL D 190 16.44 -11.92 14.25
N MET D 191 16.85 -11.85 12.98
CA MET D 191 16.21 -11.00 11.99
C MET D 191 15.61 -11.76 10.82
N SER D 192 16.23 -12.84 10.37
CA SER D 192 15.72 -13.58 9.23
C SER D 192 16.25 -15.00 9.26
N LEU D 193 15.59 -15.87 8.48
CA LEU D 193 15.99 -17.27 8.36
C LEU D 193 15.72 -17.72 6.94
N SER D 194 16.18 -18.93 6.62
CA SER D 194 16.04 -19.50 5.29
C SER D 194 16.11 -21.01 5.37
N LEU D 195 15.11 -21.68 4.81
CA LEU D 195 15.05 -23.13 4.79
C LEU D 195 15.80 -23.67 3.58
N ALA D 196 16.38 -24.88 3.74
CA ALA D 196 17.08 -25.51 2.63
C ALA D 196 16.10 -26.30 1.77
N PRO D 197 16.41 -26.46 0.48
CA PRO D 197 15.52 -27.24 -0.39
C PRO D 197 15.40 -28.70 0.03
N ASP D 198 16.41 -29.25 0.69
CA ASP D 198 16.37 -30.64 1.13
C ASP D 198 15.50 -30.85 2.37
N THR D 199 15.01 -29.77 2.99
CA THR D 199 14.16 -29.80 4.17
C THR D 199 14.81 -30.49 5.36
N ARG D 200 16.13 -30.63 5.36
CA ARG D 200 16.83 -31.28 6.47
C ARG D 200 17.43 -30.26 7.45
N LEU D 201 17.85 -29.11 6.96
CA LEU D 201 18.46 -28.09 7.80
C LEU D 201 18.03 -26.71 7.31
N PHE D 202 18.43 -25.68 8.06
CA PHE D 202 18.13 -24.31 7.68
C PHE D 202 19.19 -23.40 8.28
N VAL D 203 19.12 -22.12 7.92
CA VAL D 203 20.07 -21.12 8.38
C VAL D 203 19.30 -19.95 8.95
N SER D 204 19.93 -19.21 9.87
CA SER D 204 19.27 -18.08 10.51
C SER D 204 20.33 -17.05 10.90
N GLY D 205 20.01 -15.78 10.64
CA GLY D 205 20.91 -14.68 10.96
C GLY D 205 20.45 -13.94 12.20
N ALA D 206 21.42 -13.40 12.94
CA ALA D 206 21.17 -12.65 14.16
C ALA D 206 21.56 -11.19 13.97
N CYS D 207 21.49 -10.43 15.06
CA CYS D 207 21.81 -9.01 15.01
C CYS D 207 23.29 -8.72 15.25
N ASP D 208 23.99 -9.57 15.99
CA ASP D 208 25.39 -9.35 16.30
C ASP D 208 26.31 -9.99 15.28
N ALA D 209 26.05 -9.72 14.00
CA ALA D 209 26.87 -10.19 12.88
C ALA D 209 27.16 -11.68 12.97
N SER D 210 26.09 -12.47 13.10
CA SER D 210 26.22 -13.90 13.29
C SER D 210 25.21 -14.64 12.41
N ALA D 211 25.61 -15.81 11.94
CA ALA D 211 24.74 -16.68 11.16
C ALA D 211 24.96 -18.12 11.63
N LYS D 212 23.86 -18.80 11.97
CA LYS D 212 23.92 -20.15 12.50
C LYS D 212 23.11 -21.09 11.62
N LEU D 213 23.67 -22.26 11.34
CA LEU D 213 23.01 -23.30 10.56
C LEU D 213 22.49 -24.37 11.52
N TRP D 214 21.18 -24.46 11.65
CA TRP D 214 20.54 -25.42 12.54
C TRP D 214 19.94 -26.57 11.73
N ASP D 215 19.64 -27.66 12.44
CA ASP D 215 19.03 -28.83 11.85
C ASP D 215 17.62 -29.02 12.40
N VAL D 216 16.83 -29.81 11.68
CA VAL D 216 15.45 -30.07 12.10
C VAL D 216 15.42 -31.07 13.25
N ARG D 217 16.09 -32.21 13.08
CA ARG D 217 16.11 -33.23 14.13
C ARG D 217 16.97 -32.79 15.30
N GLU D 218 18.25 -32.50 15.05
CA GLU D 218 19.15 -32.07 16.11
C GLU D 218 19.03 -30.57 16.32
N GLY D 219 18.95 -30.16 17.58
CA GLY D 219 18.82 -28.75 17.91
C GLY D 219 20.13 -28.06 18.12
N MET D 220 21.22 -28.63 17.59
CA MET D 220 22.55 -28.06 17.71
C MET D 220 22.98 -27.47 16.38
N CYS D 221 23.63 -26.32 16.44
CA CYS D 221 24.10 -25.65 15.23
C CYS D 221 25.44 -26.24 14.80
N ARG D 222 25.56 -26.53 13.51
CA ARG D 222 26.78 -27.13 12.96
C ARG D 222 27.70 -26.13 12.29
N GLN D 223 27.15 -25.10 11.65
CA GLN D 223 27.93 -24.08 10.97
C GLN D 223 27.68 -22.73 11.59
N THR D 224 28.77 -21.99 11.84
CA THR D 224 28.71 -20.66 12.43
C THR D 224 29.55 -19.71 11.60
N PHE D 225 28.96 -18.58 11.22
CA PHE D 225 29.64 -17.57 10.41
C PHE D 225 29.56 -16.23 11.12
N THR D 226 30.69 -15.53 11.21
CA THR D 226 30.76 -14.24 11.88
C THR D 226 31.56 -13.23 11.07
N GLY D 227 31.56 -13.38 9.74
CA GLY D 227 32.30 -12.49 8.89
C GLY D 227 31.51 -11.28 8.45
N HIS D 228 31.13 -10.41 9.40
CA HIS D 228 30.39 -9.21 9.10
C HIS D 228 30.83 -8.11 10.05
N GLU D 229 30.36 -6.89 9.77
CA GLU D 229 30.71 -5.73 10.58
C GLU D 229 29.48 -4.93 11.04
N SER D 230 28.28 -5.43 10.77
CA SER D 230 27.06 -4.75 11.18
C SER D 230 25.96 -5.78 11.38
N ASP D 231 24.76 -5.30 11.69
CA ASP D 231 23.63 -6.19 11.95
C ASP D 231 23.13 -6.79 10.65
N ILE D 232 22.93 -8.10 10.64
CA ILE D 232 22.42 -8.81 9.48
C ILE D 232 20.92 -8.58 9.39
N ASN D 233 20.45 -8.16 8.21
CA ASN D 233 19.04 -7.88 7.99
C ASN D 233 18.41 -8.71 6.87
N ALA D 234 19.21 -9.48 6.13
CA ALA D 234 18.69 -10.28 5.04
C ALA D 234 19.59 -11.49 4.83
N ILE D 235 18.98 -12.63 4.56
CA ILE D 235 19.72 -13.87 4.33
C ILE D 235 18.83 -14.82 3.53
N CYS D 236 19.43 -15.44 2.51
CA CYS D 236 18.72 -16.37 1.65
C CYS D 236 19.59 -17.61 1.42
N PHE D 237 18.94 -18.73 1.16
CA PHE D 237 19.62 -20.00 0.95
C PHE D 237 19.71 -20.30 -0.54
N PHE D 238 20.83 -20.91 -0.94
CA PHE D 238 21.05 -21.24 -2.34
C PHE D 238 20.24 -22.48 -2.72
N PRO D 239 19.66 -22.51 -3.92
CA PRO D 239 18.84 -23.67 -4.31
C PRO D 239 19.62 -24.97 -4.42
N ASN D 240 20.95 -24.92 -4.54
CA ASN D 240 21.72 -26.16 -4.61
C ASN D 240 21.74 -26.89 -3.28
N GLY D 241 21.69 -26.15 -2.17
CA GLY D 241 21.72 -26.74 -0.85
C GLY D 241 23.07 -26.78 -0.17
N ASN D 242 24.08 -26.14 -0.75
CA ASN D 242 25.43 -26.13 -0.17
C ASN D 242 25.95 -24.72 0.07
N ALA D 243 25.13 -23.70 -0.12
CA ALA D 243 25.56 -22.32 0.08
C ALA D 243 24.36 -21.48 0.49
N PHE D 244 24.65 -20.22 0.85
CA PHE D 244 23.62 -19.27 1.23
C PHE D 244 24.22 -17.88 1.28
N ALA D 245 23.45 -16.89 0.86
CA ALA D 245 23.87 -15.50 0.89
C ALA D 245 23.19 -14.77 2.04
N THR D 246 23.90 -13.77 2.58
CA THR D 246 23.40 -13.00 3.70
C THR D 246 23.82 -11.55 3.56
N GLY D 247 22.93 -10.64 3.96
CA GLY D 247 23.20 -9.22 3.83
C GLY D 247 23.01 -8.50 5.15
N SER D 248 23.79 -7.45 5.34
CA SER D 248 23.78 -6.64 6.54
C SER D 248 23.38 -5.20 6.18
N ASP D 249 23.40 -4.34 7.20
CA ASP D 249 23.04 -2.93 7.01
C ASP D 249 24.17 -2.11 6.42
N ASP D 250 25.38 -2.67 6.34
CA ASP D 250 26.52 -1.96 5.76
C ASP D 250 26.58 -2.07 4.25
N ALA D 251 25.48 -2.50 3.61
CA ALA D 251 25.41 -2.64 2.15
C ALA D 251 26.47 -3.60 1.62
N THR D 252 26.79 -4.64 2.39
CA THR D 252 27.78 -5.64 2.00
C THR D 252 27.15 -7.02 2.11
N CYS D 253 26.85 -7.62 0.96
CA CYS D 253 26.31 -8.97 0.93
C CYS D 253 27.45 -9.98 0.79
N ARG D 254 27.30 -11.13 1.44
CA ARG D 254 28.34 -12.16 1.41
C ARG D 254 27.71 -13.52 1.21
N LEU D 255 28.33 -14.32 0.34
CA LEU D 255 27.88 -15.67 0.03
C LEU D 255 28.80 -16.67 0.72
N PHE D 256 28.26 -17.42 1.67
CA PHE D 256 29.00 -18.45 2.39
C PHE D 256 28.57 -19.82 1.91
N ASP D 257 29.42 -20.81 2.19
CA ASP D 257 29.18 -22.20 1.82
C ASP D 257 29.33 -23.07 3.06
N LEU D 258 28.34 -23.96 3.29
CA LEU D 258 28.39 -24.83 4.45
C LEU D 258 29.45 -25.92 4.31
N ARG D 259 29.95 -26.17 3.11
CA ARG D 259 30.99 -27.18 2.92
C ARG D 259 32.38 -26.60 3.21
N ALA D 260 32.66 -25.41 2.69
CA ALA D 260 33.95 -24.78 2.89
C ALA D 260 34.03 -23.95 4.16
N ASP D 261 32.90 -23.41 4.61
CA ASP D 261 32.83 -22.58 5.82
C ASP D 261 33.79 -21.38 5.70
N GLN D 262 33.59 -20.60 4.64
CA GLN D 262 34.42 -19.44 4.36
C GLN D 262 33.69 -18.58 3.32
N GLU D 263 34.16 -17.35 3.17
CA GLU D 263 33.56 -16.43 2.23
C GLU D 263 33.82 -16.87 0.80
N LEU D 264 32.78 -16.87 -0.03
CA LEU D 264 32.88 -17.22 -1.44
C LEU D 264 32.75 -16.03 -2.37
N MET D 265 31.89 -15.07 -2.05
CA MET D 265 31.69 -13.91 -2.90
C MET D 265 31.21 -12.74 -2.05
N THR D 266 31.65 -11.54 -2.40
CA THR D 266 31.29 -10.31 -1.69
C THR D 266 30.73 -9.32 -2.68
N TYR D 267 29.53 -8.83 -2.40
CA TYR D 267 28.84 -7.86 -3.25
C TYR D 267 28.70 -6.56 -2.48
N SER D 268 29.42 -5.53 -2.92
CA SER D 268 29.39 -4.22 -2.27
C SER D 268 30.06 -3.21 -3.19
N HIS D 269 29.65 -1.94 -3.05
CA HIS D 269 30.22 -0.85 -3.82
C HIS D 269 30.33 0.38 -2.94
N ASP D 270 31.29 1.24 -3.27
CA ASP D 270 31.48 2.47 -2.50
C ASP D 270 30.39 3.49 -2.78
N ASN D 271 29.77 3.43 -3.96
CA ASN D 271 28.74 4.39 -4.33
C ASN D 271 27.43 4.15 -3.57
N ILE D 272 27.21 2.93 -3.08
CA ILE D 272 26.00 2.58 -2.34
C ILE D 272 26.38 2.36 -0.88
N ILE D 273 25.75 3.12 0.02
CA ILE D 273 26.02 3.00 1.45
C ILE D 273 24.71 2.68 2.18
N CYS D 274 23.68 2.32 1.42
CA CYS D 274 22.38 1.97 1.97
C CYS D 274 22.27 0.44 2.07
N GLY D 275 22.02 -0.04 3.28
CA GLY D 275 21.93 -1.47 3.50
C GLY D 275 20.74 -2.10 2.79
N ILE D 276 20.76 -3.43 2.73
CA ILE D 276 19.72 -4.21 2.08
C ILE D 276 18.84 -4.83 3.14
N THR D 277 17.59 -5.12 2.75
CA THR D 277 16.61 -5.69 3.67
C THR D 277 16.09 -7.05 3.24
N SER D 278 16.29 -7.45 1.98
CA SER D 278 15.81 -8.75 1.50
C SER D 278 16.69 -9.21 0.35
N VAL D 279 17.04 -10.49 0.36
CA VAL D 279 17.83 -11.10 -0.69
C VAL D 279 17.17 -12.40 -1.11
N SER D 280 17.34 -12.77 -2.37
CA SER D 280 16.75 -13.99 -2.91
C SER D 280 17.45 -14.37 -4.20
N PHE D 281 17.65 -15.66 -4.40
CA PHE D 281 18.24 -16.18 -5.62
C PHE D 281 17.15 -16.49 -6.66
N SER D 282 17.60 -16.79 -7.87
CA SER D 282 16.70 -17.19 -8.94
C SER D 282 16.39 -18.69 -8.81
N LYS D 283 15.75 -19.25 -9.83
CA LYS D 283 15.46 -20.69 -9.80
C LYS D 283 16.73 -21.52 -9.93
N SER D 284 17.74 -20.99 -10.62
CA SER D 284 19.02 -21.68 -10.78
C SER D 284 20.10 -21.18 -9.86
N GLY D 285 20.05 -19.90 -9.47
CA GLY D 285 21.06 -19.32 -8.61
C GLY D 285 22.07 -18.43 -9.30
N ARG D 286 21.83 -18.06 -10.56
CA ARG D 286 22.77 -17.22 -11.28
C ARG D 286 22.74 -15.79 -10.77
N LEU D 287 21.57 -15.16 -10.81
CA LEU D 287 21.41 -13.78 -10.38
C LEU D 287 20.95 -13.72 -8.93
N LEU D 288 21.43 -12.72 -8.20
CA LEU D 288 21.07 -12.49 -6.81
C LEU D 288 20.39 -11.12 -6.73
N LEU D 289 19.12 -11.12 -6.36
CA LEU D 289 18.34 -9.88 -6.24
C LEU D 289 18.31 -9.45 -4.78
N ALA D 290 18.77 -8.23 -4.52
CA ALA D 290 18.82 -7.68 -3.17
C ALA D 290 18.00 -6.40 -3.11
N GLY D 291 17.22 -6.27 -2.04
CA GLY D 291 16.39 -5.10 -1.86
C GLY D 291 17.08 -3.98 -1.11
N TYR D 292 17.61 -3.01 -1.86
CA TYR D 292 18.30 -1.88 -1.29
C TYR D 292 17.31 -0.82 -0.80
N ASP D 293 17.73 -0.07 0.22
CA ASP D 293 16.89 0.97 0.79
C ASP D 293 17.04 2.32 0.07
N ASP D 294 17.88 2.40 -0.95
CA ASP D 294 18.09 3.66 -1.68
C ASP D 294 17.08 3.82 -2.81
N PHE D 295 15.79 3.65 -2.49
CA PHE D 295 14.67 3.87 -3.41
C PHE D 295 14.75 3.01 -4.66
N ASN D 296 15.57 1.96 -4.65
CA ASN D 296 15.72 1.08 -5.81
C ASN D 296 16.43 -0.19 -5.34
N CYS D 297 16.69 -1.09 -6.29
CA CYS D 297 17.39 -2.33 -6.02
C CYS D 297 18.47 -2.55 -7.07
N ASN D 298 19.49 -3.32 -6.70
CA ASN D 298 20.60 -3.63 -7.59
C ASN D 298 20.84 -5.13 -7.55
N VAL D 299 20.77 -5.77 -8.72
CA VAL D 299 21.00 -7.21 -8.81
C VAL D 299 22.47 -7.47 -9.06
N TRP D 300 22.95 -8.63 -8.61
CA TRP D 300 24.35 -8.99 -8.70
C TRP D 300 24.48 -10.37 -9.34
N ASP D 301 25.70 -10.70 -9.75
CA ASP D 301 26.03 -12.01 -10.29
C ASP D 301 26.65 -12.87 -9.20
N ALA D 302 26.13 -14.08 -9.03
CA ALA D 302 26.60 -14.95 -7.96
C ALA D 302 28.04 -15.42 -8.16
N LEU D 303 28.58 -15.29 -9.38
CA LEU D 303 29.92 -15.75 -9.69
C LEU D 303 30.90 -14.61 -9.90
N LYS D 304 30.53 -13.60 -10.69
CA LYS D 304 31.43 -12.49 -10.97
C LYS D 304 31.31 -11.35 -9.98
N ALA D 305 30.26 -11.34 -9.15
CA ALA D 305 30.04 -10.29 -8.16
C ALA D 305 30.01 -8.90 -8.81
N ASP D 306 29.30 -8.79 -9.93
CA ASP D 306 29.18 -7.55 -10.66
C ASP D 306 27.71 -7.13 -10.72
N ARG D 307 27.49 -5.83 -10.81
CA ARG D 307 26.13 -5.28 -10.90
C ARG D 307 25.54 -5.65 -12.26
N ALA D 308 24.53 -6.53 -12.24
CA ALA D 308 23.90 -7.02 -13.46
C ALA D 308 22.68 -6.22 -13.86
N GLY D 309 22.29 -5.22 -13.08
CA GLY D 309 21.11 -4.43 -13.41
C GLY D 309 20.61 -3.66 -12.21
N VAL D 310 19.90 -2.58 -12.50
CA VAL D 310 19.32 -1.71 -11.49
C VAL D 310 17.83 -1.59 -11.75
N LEU D 311 17.02 -1.90 -10.74
CA LEU D 311 15.57 -1.80 -10.80
C LEU D 311 15.16 -0.59 -9.99
N ALA D 312 14.75 0.48 -10.67
CA ALA D 312 14.39 1.75 -10.04
C ALA D 312 12.91 2.06 -10.22
N GLY D 313 12.06 1.05 -10.05
CA GLY D 313 10.63 1.22 -10.17
C GLY D 313 9.91 1.62 -8.91
N HIS D 314 10.63 1.80 -7.81
CA HIS D 314 10.03 2.18 -6.53
C HIS D 314 10.48 3.58 -6.14
N ASP D 315 9.81 4.13 -5.11
CA ASP D 315 10.10 5.46 -4.63
C ASP D 315 10.23 5.52 -3.11
N ASN D 316 10.21 4.37 -2.43
CA ASN D 316 10.32 4.32 -0.98
C ASN D 316 11.29 3.21 -0.60
N ARG D 317 11.50 3.03 0.70
CA ARG D 317 12.41 1.99 1.18
C ARG D 317 11.87 0.61 0.83
N VAL D 318 12.67 -0.17 0.12
CA VAL D 318 12.28 -1.53 -0.25
C VAL D 318 12.24 -2.39 1.00
N SER D 319 11.07 -2.95 1.29
CA SER D 319 10.88 -3.75 2.50
C SER D 319 11.26 -5.22 2.28
N CYS D 320 10.72 -5.85 1.23
CA CYS D 320 10.97 -7.26 1.01
C CYS D 320 11.01 -7.54 -0.49
N LEU D 321 11.61 -8.68 -0.83
CA LEU D 321 11.74 -9.11 -2.21
C LEU D 321 11.71 -10.64 -2.24
N GLY D 322 10.91 -11.20 -3.14
CA GLY D 322 10.76 -12.64 -3.23
C GLY D 322 10.67 -13.18 -4.63
N VAL D 323 11.42 -14.25 -4.91
CA VAL D 323 11.42 -14.91 -6.21
C VAL D 323 10.60 -16.19 -6.10
N THR D 324 9.72 -16.41 -7.08
CA THR D 324 8.88 -17.60 -7.06
C THR D 324 9.71 -18.85 -7.31
N ASP D 325 9.10 -20.01 -7.02
CA ASP D 325 9.79 -21.27 -7.21
C ASP D 325 9.99 -21.60 -8.68
N ASP D 326 9.05 -21.18 -9.53
CA ASP D 326 9.17 -21.44 -10.96
C ASP D 326 10.13 -20.49 -11.67
N GLY D 327 10.59 -19.45 -10.99
CA GLY D 327 11.51 -18.50 -11.60
C GLY D 327 10.92 -17.71 -12.75
N MET D 328 9.65 -17.33 -12.65
CA MET D 328 8.98 -16.58 -13.70
C MET D 328 8.68 -15.14 -13.34
N ALA D 329 8.71 -14.78 -12.06
CA ALA D 329 8.40 -13.42 -11.64
C ALA D 329 9.01 -13.18 -10.27
N VAL D 330 9.35 -11.91 -10.01
CA VAL D 330 9.91 -11.49 -8.74
C VAL D 330 9.04 -10.36 -8.18
N ALA D 331 8.58 -10.53 -6.94
CA ALA D 331 7.71 -9.56 -6.30
C ALA D 331 8.52 -8.74 -5.30
N THR D 332 8.54 -7.42 -5.50
CA THR D 332 9.27 -6.49 -4.64
C THR D 332 8.27 -5.56 -3.97
N GLY D 333 8.23 -5.60 -2.64
CA GLY D 333 7.33 -4.75 -1.87
C GLY D 333 8.10 -3.75 -1.05
N SER D 334 7.62 -2.51 -1.07
CA SER D 334 8.25 -1.40 -0.35
C SER D 334 7.21 -0.73 0.53
N TRP D 335 7.59 0.40 1.13
CA TRP D 335 6.71 1.11 2.05
C TRP D 335 5.71 2.02 1.35
N ASP D 336 5.68 2.03 0.02
CA ASP D 336 4.73 2.84 -0.74
C ASP D 336 3.46 2.06 -1.09
N SER D 337 3.16 0.99 -0.36
CA SER D 337 1.98 0.16 -0.58
C SER D 337 1.94 -0.44 -1.98
N PHE D 338 3.08 -0.61 -2.62
CA PHE D 338 3.17 -1.13 -3.98
C PHE D 338 4.04 -2.38 -3.97
N LEU D 339 3.45 -3.52 -4.36
CA LEU D 339 4.16 -4.79 -4.50
C LEU D 339 4.29 -5.03 -6.00
N LYS D 340 5.38 -4.54 -6.58
CA LYS D 340 5.57 -4.58 -8.03
C LYS D 340 6.18 -5.90 -8.46
N ILE D 341 5.71 -6.40 -9.61
CA ILE D 341 6.15 -7.68 -10.16
C ILE D 341 7.05 -7.42 -11.35
N TRP D 342 8.23 -8.02 -11.35
CA TRP D 342 9.20 -7.88 -12.42
C TRP D 342 9.47 -9.23 -13.06
N ASN D 343 9.84 -9.20 -14.33
CA ASN D 343 10.14 -10.41 -15.08
C ASN D 343 11.46 -10.28 -15.81
N VAL E 1 -23.28 -25.41 5.26
CA VAL E 1 -23.34 -26.66 6.01
C VAL E 1 -24.79 -27.10 6.17
N GLN E 2 -25.65 -26.19 6.63
CA GLN E 2 -27.06 -26.46 6.84
C GLN E 2 -27.87 -25.47 6.02
N LEU E 3 -28.48 -25.95 4.94
CA LEU E 3 -29.29 -25.13 4.05
C LEU E 3 -30.73 -25.65 4.11
N VAL E 4 -31.57 -24.95 4.87
CA VAL E 4 -32.97 -25.35 5.03
C VAL E 4 -33.81 -24.58 4.02
N GLU E 5 -34.45 -25.30 3.11
CA GLU E 5 -35.29 -24.70 2.09
C GLU E 5 -36.76 -24.83 2.48
N SER E 6 -37.55 -23.83 2.07
CA SER E 6 -38.97 -23.83 2.37
C SER E 6 -39.71 -23.03 1.30
N GLY E 7 -41.00 -23.29 1.18
CA GLY E 7 -41.82 -22.61 0.21
C GLY E 7 -42.45 -23.54 -0.82
N GLY E 8 -42.36 -24.85 -0.56
CA GLY E 8 -42.91 -25.84 -1.47
C GLY E 8 -44.36 -26.16 -1.18
N GLY E 9 -44.92 -26.98 -2.05
CA GLY E 9 -46.30 -27.41 -1.95
C GLY E 9 -46.92 -27.52 -3.32
N LEU E 10 -48.25 -27.63 -3.34
CA LEU E 10 -49.02 -27.71 -4.58
C LEU E 10 -49.65 -26.34 -4.84
N VAL E 11 -49.29 -25.73 -5.96
CA VAL E 11 -49.75 -24.39 -6.32
C VAL E 11 -50.48 -24.47 -7.64
N GLN E 12 -51.57 -23.70 -7.75
CA GLN E 12 -52.32 -23.65 -9.00
C GLN E 12 -51.50 -22.95 -10.07
N PRO E 13 -51.71 -23.30 -11.34
CA PRO E 13 -50.95 -22.65 -12.42
C PRO E 13 -51.32 -21.18 -12.53
N GLY E 14 -50.29 -20.33 -12.54
CA GLY E 14 -50.48 -18.90 -12.60
C GLY E 14 -50.36 -18.17 -11.28
N GLY E 15 -49.99 -18.85 -10.21
CA GLY E 15 -49.85 -18.24 -8.89
C GLY E 15 -48.48 -17.66 -8.68
N SER E 16 -48.06 -17.62 -7.41
CA SER E 16 -46.76 -17.08 -7.04
C SER E 16 -46.34 -17.69 -5.71
N ARG E 17 -45.03 -17.85 -5.55
CA ARG E 17 -44.45 -18.40 -4.33
C ARG E 17 -43.14 -17.66 -4.03
N LYS E 18 -42.67 -17.84 -2.79
CA LYS E 18 -41.44 -17.21 -2.32
C LYS E 18 -40.57 -18.29 -1.68
N LEU E 19 -39.71 -18.91 -2.48
CA LEU E 19 -38.81 -19.94 -1.96
C LEU E 19 -37.74 -19.28 -1.09
N SER E 20 -37.56 -19.78 0.13
CA SER E 20 -36.61 -19.23 1.07
C SER E 20 -35.62 -20.30 1.49
N CYS E 21 -34.33 -20.01 1.35
CA CYS E 21 -33.26 -20.94 1.72
C CYS E 21 -32.42 -20.30 2.83
N SER E 22 -32.68 -20.71 4.07
CA SER E 22 -31.91 -20.22 5.20
C SER E 22 -30.62 -21.03 5.33
N ALA E 23 -29.49 -20.34 5.29
CA ALA E 23 -28.17 -20.97 5.38
C ALA E 23 -27.56 -20.75 6.75
N SER E 24 -26.84 -21.76 7.24
CA SER E 24 -26.18 -21.68 8.53
C SER E 24 -24.98 -22.60 8.52
N GLY E 25 -23.82 -22.08 8.91
CA GLY E 25 -22.58 -22.86 8.94
C GLY E 25 -21.47 -22.31 8.06
N PHE E 26 -21.67 -21.20 7.36
CA PHE E 26 -20.65 -20.65 6.49
C PHE E 26 -20.96 -19.18 6.24
N ALA E 27 -20.03 -18.50 5.57
CA ALA E 27 -20.19 -17.09 5.23
C ALA E 27 -21.15 -16.98 4.04
N PHE E 28 -22.39 -16.57 4.31
CA PHE E 28 -23.37 -16.47 3.25
C PHE E 28 -23.08 -15.30 2.31
N SER E 29 -22.47 -14.23 2.83
CA SER E 29 -22.18 -13.07 2.00
C SER E 29 -21.03 -13.32 1.03
N SER E 30 -20.18 -14.31 1.29
CA SER E 30 -19.03 -14.59 0.43
C SER E 30 -19.35 -15.58 -0.68
N PHE E 31 -20.25 -16.52 -0.44
CA PHE E 31 -20.60 -17.54 -1.42
C PHE E 31 -21.67 -17.03 -2.37
N GLY E 32 -21.56 -17.42 -3.64
CA GLY E 32 -22.56 -17.08 -4.64
C GLY E 32 -23.62 -18.15 -4.76
N MET E 33 -24.87 -17.78 -4.50
CA MET E 33 -25.95 -18.74 -4.50
C MET E 33 -26.49 -18.97 -5.92
N HIS E 34 -26.91 -20.21 -6.17
CA HIS E 34 -27.46 -20.60 -7.46
C HIS E 34 -28.68 -21.50 -7.23
N TRP E 35 -29.51 -21.60 -8.25
CA TRP E 35 -30.71 -22.43 -8.22
C TRP E 35 -30.65 -23.48 -9.32
N VAL E 36 -31.19 -24.65 -9.01
CA VAL E 36 -31.24 -25.76 -9.96
C VAL E 36 -32.61 -26.44 -9.87
N ARG E 37 -33.25 -26.62 -11.01
CA ARG E 37 -34.55 -27.29 -11.07
C ARG E 37 -34.38 -28.70 -11.59
N GLN E 38 -34.90 -29.67 -10.86
CA GLN E 38 -34.85 -31.09 -11.23
C GLN E 38 -36.29 -31.58 -11.40
N ALA E 39 -36.70 -31.77 -12.65
CA ALA E 39 -38.01 -32.31 -12.93
C ALA E 39 -38.01 -33.82 -12.70
N PRO E 40 -39.18 -34.41 -12.45
CA PRO E 40 -39.26 -35.86 -12.26
C PRO E 40 -38.72 -36.61 -13.47
N GLU E 41 -37.74 -37.49 -13.22
CA GLU E 41 -37.09 -38.29 -14.26
C GLU E 41 -36.46 -37.40 -15.33
N LYS E 42 -35.90 -36.26 -14.90
CA LYS E 42 -35.22 -35.34 -15.80
C LYS E 42 -34.00 -34.77 -15.10
N GLY E 43 -33.15 -34.11 -15.88
CA GLY E 43 -31.92 -33.53 -15.38
C GLY E 43 -32.12 -32.22 -14.67
N LEU E 44 -31.02 -31.51 -14.47
CA LEU E 44 -31.04 -30.22 -13.79
C LEU E 44 -31.24 -29.08 -14.79
N GLU E 45 -31.63 -27.92 -14.26
CA GLU E 45 -31.87 -26.73 -15.07
C GLU E 45 -31.43 -25.50 -14.28
N TRP E 46 -30.48 -24.76 -14.81
CA TRP E 46 -30.02 -23.54 -14.17
C TRP E 46 -31.06 -22.44 -14.35
N VAL E 47 -31.24 -21.63 -13.31
CA VAL E 47 -32.25 -20.57 -13.33
C VAL E 47 -31.60 -19.22 -13.11
N ALA E 48 -30.95 -19.04 -11.96
CA ALA E 48 -30.39 -17.76 -11.58
C ALA E 48 -28.96 -17.93 -11.08
N TYR E 49 -28.21 -16.83 -11.11
CA TYR E 49 -26.84 -16.81 -10.64
C TYR E 49 -26.52 -15.43 -10.09
N ILE E 50 -26.16 -15.37 -8.81
CA ILE E 50 -25.82 -14.12 -8.14
C ILE E 50 -24.46 -14.29 -7.47
N SER E 51 -23.59 -13.29 -7.62
CA SER E 51 -22.27 -13.32 -7.03
C SER E 51 -22.29 -12.65 -5.67
N SER E 52 -21.10 -12.51 -5.07
CA SER E 52 -20.98 -11.87 -3.77
C SER E 52 -21.14 -10.36 -3.90
N GLY E 53 -21.93 -9.78 -3.01
CA GLY E 53 -22.18 -8.35 -3.03
C GLY E 53 -23.37 -7.91 -3.85
N SER E 54 -24.04 -8.84 -4.54
CA SER E 54 -25.21 -8.54 -5.37
C SER E 54 -24.89 -7.50 -6.43
N GLY E 55 -23.72 -7.64 -7.06
CA GLY E 55 -23.30 -6.73 -8.09
C GLY E 55 -23.97 -6.98 -9.43
N THR E 56 -23.82 -8.21 -9.95
CA THR E 56 -24.43 -8.60 -11.21
C THR E 56 -25.19 -9.90 -11.01
N ILE E 57 -26.39 -9.97 -11.59
CA ILE E 57 -27.25 -11.13 -11.50
C ILE E 57 -27.58 -11.61 -12.91
N TYR E 58 -27.52 -12.92 -13.11
CA TYR E 58 -27.81 -13.53 -14.40
C TYR E 58 -29.02 -14.44 -14.27
N TYR E 59 -29.87 -14.44 -15.28
CA TYR E 59 -31.07 -15.27 -15.32
C TYR E 59 -31.05 -16.16 -16.55
N ALA E 60 -31.74 -17.29 -16.46
CA ALA E 60 -31.82 -18.21 -17.58
C ALA E 60 -32.73 -17.64 -18.66
N ASP E 61 -32.31 -17.78 -19.92
CA ASP E 61 -33.07 -17.23 -21.04
C ASP E 61 -34.44 -17.90 -21.18
N THR E 62 -34.57 -19.14 -20.70
CA THR E 62 -35.84 -19.84 -20.81
C THR E 62 -36.88 -19.34 -19.82
N VAL E 63 -36.43 -18.80 -18.68
CA VAL E 63 -37.35 -18.35 -17.63
C VAL E 63 -37.03 -16.91 -17.26
N LYS E 64 -36.43 -16.16 -18.18
CA LYS E 64 -36.08 -14.77 -17.91
C LYS E 64 -37.33 -13.91 -17.85
N GLY E 65 -37.38 -13.02 -16.85
CA GLY E 65 -38.47 -12.09 -16.66
C GLY E 65 -39.42 -12.44 -15.53
N ARG E 66 -39.56 -13.74 -15.22
CA ARG E 66 -40.49 -14.17 -14.19
C ARG E 66 -39.83 -14.44 -12.84
N PHE E 67 -38.55 -14.80 -12.83
CA PHE E 67 -37.85 -15.11 -11.59
C PHE E 67 -37.08 -13.91 -11.08
N THR E 68 -37.04 -13.77 -9.75
CA THR E 68 -36.31 -12.69 -9.09
C THR E 68 -35.67 -13.24 -7.83
N ILE E 69 -34.34 -13.20 -7.77
CA ILE E 69 -33.58 -13.74 -6.66
C ILE E 69 -32.97 -12.58 -5.88
N SER E 70 -32.92 -12.72 -4.56
CA SER E 70 -32.38 -11.67 -3.71
C SER E 70 -31.85 -12.27 -2.41
N ARG E 71 -30.67 -11.83 -2.01
CA ARG E 71 -30.05 -12.28 -0.77
C ARG E 71 -30.12 -11.17 0.29
N ASP E 72 -30.05 -11.58 1.54
CA ASP E 72 -30.08 -10.67 2.67
C ASP E 72 -28.92 -11.02 3.59
N ASP E 73 -27.94 -10.12 3.69
CA ASP E 73 -26.77 -10.37 4.52
C ASP E 73 -27.04 -10.23 6.01
N PRO E 74 -27.79 -9.23 6.51
CA PRO E 74 -28.08 -9.21 7.95
C PRO E 74 -28.76 -10.46 8.46
N LYS E 75 -29.69 -11.02 7.67
CA LYS E 75 -30.31 -12.30 8.01
C LYS E 75 -29.61 -13.48 7.37
N ASN E 76 -28.78 -13.24 6.35
CA ASN E 76 -28.06 -14.30 5.62
C ASN E 76 -29.04 -15.32 5.05
N THR E 77 -30.03 -14.82 4.30
CA THR E 77 -31.08 -15.67 3.77
C THR E 77 -31.33 -15.33 2.31
N LEU E 78 -31.55 -16.35 1.50
CA LEU E 78 -31.84 -16.20 0.08
C LEU E 78 -33.32 -16.39 -0.19
N PHE E 79 -33.87 -15.55 -1.07
CA PHE E 79 -35.27 -15.60 -1.44
C PHE E 79 -35.39 -15.58 -2.96
N LEU E 80 -36.36 -16.32 -3.47
CA LEU E 80 -36.62 -16.41 -4.90
C LEU E 80 -38.12 -16.32 -5.14
N GLN E 81 -38.54 -15.31 -5.89
CA GLN E 81 -39.94 -15.11 -6.24
C GLN E 81 -40.15 -15.42 -7.72
N MET E 82 -41.33 -15.94 -8.03
CA MET E 82 -41.65 -16.30 -9.40
C MET E 82 -43.15 -16.10 -9.64
N THR E 83 -43.49 -15.63 -10.84
CA THR E 83 -44.88 -15.39 -11.22
C THR E 83 -45.17 -16.12 -12.52
N SER E 84 -46.47 -16.27 -12.81
CA SER E 84 -46.95 -16.93 -14.02
C SER E 84 -46.40 -18.36 -14.12
N LEU E 85 -46.78 -19.18 -13.15
CA LEU E 85 -46.34 -20.56 -13.10
C LEU E 85 -46.93 -21.35 -14.26
N ARG E 86 -46.06 -21.88 -15.12
CA ARG E 86 -46.49 -22.66 -16.28
C ARG E 86 -46.46 -24.15 -15.93
N SER E 87 -46.72 -24.97 -16.94
CA SER E 87 -46.74 -26.42 -16.77
C SER E 87 -45.34 -27.03 -16.69
N GLU E 88 -44.29 -26.25 -16.92
CA GLU E 88 -42.92 -26.75 -16.87
C GLU E 88 -42.17 -26.33 -15.62
N ASP E 89 -42.69 -25.35 -14.86
CA ASP E 89 -41.99 -24.90 -13.67
C ASP E 89 -42.07 -25.89 -12.53
N THR E 90 -42.97 -26.87 -12.61
CA THR E 90 -43.11 -27.86 -11.54
C THR E 90 -41.89 -28.77 -11.51
N ALA E 91 -41.03 -28.58 -10.51
CA ALA E 91 -39.81 -29.35 -10.35
C ALA E 91 -39.30 -29.14 -8.94
N MET E 92 -38.29 -29.93 -8.57
CA MET E 92 -37.66 -29.82 -7.26
C MET E 92 -36.54 -28.78 -7.32
N TYR E 93 -36.57 -27.83 -6.40
CA TYR E 93 -35.62 -26.73 -6.38
C TYR E 93 -34.47 -27.04 -5.43
N TYR E 94 -33.25 -26.72 -5.89
CA TYR E 94 -32.04 -26.89 -5.09
C TYR E 94 -31.28 -25.58 -5.08
N CYS E 95 -31.03 -25.04 -3.90
CA CYS E 95 -30.30 -23.79 -3.71
C CYS E 95 -28.91 -24.09 -3.17
N VAL E 96 -27.88 -23.52 -3.82
CA VAL E 96 -26.51 -24.08 -3.77
C VAL E 96 -25.49 -22.95 -3.59
N ARG E 97 -24.56 -23.15 -2.66
CA ARG E 97 -23.50 -22.18 -2.41
C ARG E 97 -22.31 -22.45 -3.32
N SER E 98 -21.59 -21.38 -3.66
CA SER E 98 -20.43 -21.49 -4.54
C SER E 98 -19.55 -20.27 -4.36
N ILE E 99 -18.24 -20.50 -4.33
CA ILE E 99 -17.25 -19.44 -4.21
C ILE E 99 -16.35 -19.50 -5.43
N TYR E 100 -15.93 -18.33 -5.92
CA TYR E 100 -15.15 -18.22 -7.15
C TYR E 100 -13.80 -17.59 -6.85
N TYR E 101 -12.73 -18.34 -7.06
CA TYR E 101 -11.36 -17.84 -6.97
C TYR E 101 -10.47 -18.86 -7.68
N TYR E 102 -9.16 -18.61 -7.64
CA TYR E 102 -8.20 -19.49 -8.29
C TYR E 102 -8.15 -20.82 -7.56
N GLY E 103 -8.61 -21.87 -8.21
CA GLY E 103 -8.68 -23.18 -7.58
C GLY E 103 -9.77 -23.26 -6.53
N SER E 104 -10.96 -22.78 -6.88
CA SER E 104 -12.07 -22.71 -5.94
C SER E 104 -12.85 -24.03 -5.93
N SER E 105 -14.00 -24.03 -5.25
CA SER E 105 -14.87 -25.20 -5.17
C SER E 105 -16.31 -24.75 -5.44
N PRO E 106 -16.63 -24.43 -6.70
CA PRO E 106 -18.00 -24.00 -7.01
C PRO E 106 -18.98 -25.16 -6.97
N PHE E 107 -20.19 -24.88 -6.47
CA PHE E 107 -21.24 -25.89 -6.31
C PHE E 107 -20.74 -27.04 -5.43
N ASP E 108 -20.19 -26.69 -4.27
CA ASP E 108 -19.63 -27.70 -3.38
C ASP E 108 -20.74 -28.48 -2.68
N PHE E 109 -21.59 -27.79 -1.93
CA PHE E 109 -22.67 -28.41 -1.18
C PHE E 109 -24.01 -28.06 -1.80
N TRP E 110 -24.91 -29.05 -1.84
CA TRP E 110 -26.24 -28.88 -2.38
C TRP E 110 -27.28 -29.02 -1.26
N GLY E 111 -28.21 -28.07 -1.20
CA GLY E 111 -29.23 -28.11 -0.18
C GLY E 111 -30.21 -29.24 -0.39
N GLN E 112 -30.95 -29.55 0.68
CA GLN E 112 -31.93 -30.63 0.60
C GLN E 112 -33.10 -30.27 -0.30
N GLY E 113 -33.46 -28.99 -0.37
CA GLY E 113 -34.54 -28.56 -1.23
C GLY E 113 -35.90 -29.01 -0.74
N THR E 114 -36.90 -28.73 -1.58
CA THR E 114 -38.28 -29.10 -1.30
C THR E 114 -39.03 -29.25 -2.61
N THR E 115 -39.98 -30.19 -2.63
CA THR E 115 -40.76 -30.45 -3.83
C THR E 115 -41.78 -29.33 -4.05
N LEU E 116 -42.17 -29.17 -5.31
CA LEU E 116 -43.14 -28.15 -5.69
C LEU E 116 -43.91 -28.64 -6.90
N THR E 117 -45.23 -28.74 -6.76
CA THR E 117 -46.10 -29.23 -7.83
C THR E 117 -46.96 -28.08 -8.36
N VAL E 118 -47.15 -28.06 -9.67
CA VAL E 118 -47.96 -27.05 -10.34
C VAL E 118 -49.03 -27.78 -11.15
N SER E 119 -50.30 -27.50 -10.86
CA SER E 119 -51.44 -28.11 -11.54
C SER E 119 -51.39 -29.64 -11.46
N ALA E 136 -22.87 -19.44 -27.71
CA ALA E 136 -23.88 -20.40 -28.13
C ALA E 136 -24.30 -21.28 -26.96
N ASP E 137 -25.49 -21.88 -27.07
CA ASP E 137 -25.99 -22.75 -26.02
C ASP E 137 -25.18 -24.04 -25.98
N ILE E 138 -24.71 -24.39 -24.78
CA ILE E 138 -23.90 -25.59 -24.61
C ILE E 138 -24.79 -26.81 -24.45
N VAL E 139 -25.03 -27.52 -25.55
CA VAL E 139 -25.83 -28.74 -25.54
C VAL E 139 -24.85 -29.90 -25.33
N MET E 140 -24.59 -30.21 -24.06
CA MET E 140 -23.63 -31.25 -23.70
C MET E 140 -24.33 -32.60 -23.74
N THR E 141 -24.40 -33.17 -24.94
CA THR E 141 -25.01 -34.48 -25.14
C THR E 141 -24.00 -35.57 -24.82
N GLN E 142 -24.36 -36.48 -23.91
CA GLN E 142 -23.46 -37.54 -23.52
C GLN E 142 -23.31 -38.57 -24.64
N ALA E 143 -22.18 -39.26 -24.65
CA ALA E 143 -21.93 -40.29 -25.65
C ALA E 143 -22.67 -41.58 -25.32
N THR E 144 -22.73 -41.94 -24.03
CA THR E 144 -23.44 -43.13 -23.58
C THR E 144 -24.19 -42.80 -22.31
N SER E 145 -25.46 -43.16 -22.26
CA SER E 145 -26.33 -42.81 -21.13
C SER E 145 -26.36 -43.90 -20.07
N SER E 146 -26.80 -45.10 -20.45
CA SER E 146 -26.98 -46.19 -19.51
C SER E 146 -25.84 -47.19 -19.64
N VAL E 147 -25.09 -47.37 -18.56
CA VAL E 147 -24.01 -48.36 -18.51
C VAL E 147 -24.22 -49.22 -17.27
N PRO E 148 -25.12 -50.20 -17.31
CA PRO E 148 -25.36 -51.04 -16.12
C PRO E 148 -24.18 -51.96 -15.85
N VAL E 149 -23.44 -51.67 -14.79
CA VAL E 149 -22.27 -52.45 -14.39
C VAL E 149 -22.38 -52.75 -12.91
N THR E 150 -22.17 -54.01 -12.55
CA THR E 150 -22.18 -54.40 -11.15
C THR E 150 -21.02 -53.77 -10.40
N PRO E 151 -21.20 -53.42 -9.13
CA PRO E 151 -20.11 -52.79 -8.37
C PRO E 151 -18.98 -53.77 -8.11
N GLY E 152 -17.76 -53.22 -8.09
CA GLY E 152 -16.56 -54.00 -7.85
C GLY E 152 -15.53 -53.95 -8.95
N GLU E 153 -15.87 -53.42 -10.13
CA GLU E 153 -14.95 -53.33 -11.26
C GLU E 153 -14.62 -51.87 -11.56
N SER E 154 -13.86 -51.66 -12.62
CA SER E 154 -13.45 -50.34 -13.06
C SER E 154 -14.24 -49.95 -14.31
N VAL E 155 -14.78 -48.74 -14.31
CA VAL E 155 -15.57 -48.23 -15.42
C VAL E 155 -15.12 -46.81 -15.74
N SER E 156 -15.58 -46.31 -16.89
CA SER E 156 -15.24 -44.96 -17.34
C SER E 156 -16.36 -44.45 -18.23
N ILE E 157 -17.01 -43.38 -17.79
CA ILE E 157 -18.08 -42.75 -18.56
C ILE E 157 -17.47 -41.69 -19.46
N SER E 158 -17.95 -41.62 -20.70
CA SER E 158 -17.46 -40.67 -21.69
C SER E 158 -18.60 -39.78 -22.15
N CYS E 159 -18.30 -38.49 -22.29
CA CYS E 159 -19.28 -37.50 -22.74
C CYS E 159 -18.61 -36.52 -23.68
N ARG E 160 -19.43 -35.74 -24.38
CA ARG E 160 -18.94 -34.74 -25.32
C ARG E 160 -19.84 -33.51 -25.24
N SER E 161 -19.35 -32.41 -25.82
CA SER E 161 -20.08 -31.15 -25.84
C SER E 161 -20.12 -30.60 -27.25
N SER E 162 -21.10 -29.73 -27.50
CA SER E 162 -21.26 -29.12 -28.82
C SER E 162 -20.25 -28.00 -29.07
N LYS E 163 -19.64 -27.45 -28.01
CA LYS E 163 -18.68 -26.37 -28.14
C LYS E 163 -17.52 -26.61 -27.18
N SER E 164 -16.30 -26.36 -27.66
CA SER E 164 -15.11 -26.54 -26.85
C SER E 164 -15.10 -25.52 -25.72
N LEU E 165 -15.31 -25.99 -24.48
CA LEU E 165 -15.35 -25.13 -23.32
C LEU E 165 -13.97 -24.90 -22.70
N LEU E 166 -12.91 -25.12 -23.47
CA LEU E 166 -11.54 -24.93 -22.98
C LEU E 166 -11.10 -23.52 -23.36
N HIS E 167 -11.11 -22.61 -22.39
CA HIS E 167 -10.73 -21.24 -22.62
C HIS E 167 -9.21 -21.12 -22.78
N SER E 168 -8.76 -19.95 -23.20
CA SER E 168 -7.33 -19.71 -23.40
C SER E 168 -6.56 -19.72 -22.09
N ASN E 169 -7.23 -19.59 -20.95
CA ASN E 169 -6.54 -19.62 -19.67
C ASN E 169 -5.95 -20.99 -19.38
N GLY E 170 -6.58 -22.06 -19.88
CA GLY E 170 -6.09 -23.40 -19.66
C GLY E 170 -6.83 -24.20 -18.61
N ASN E 171 -7.96 -23.72 -18.12
CA ASN E 171 -8.75 -24.40 -17.10
C ASN E 171 -10.02 -24.95 -17.75
N THR E 172 -10.13 -26.27 -17.82
CA THR E 172 -11.30 -26.91 -18.41
C THR E 172 -12.49 -26.75 -17.47
N TYR E 173 -13.43 -25.90 -17.84
CA TYR E 173 -14.63 -25.65 -17.03
C TYR E 173 -15.56 -26.84 -17.15
N LEU E 174 -15.58 -27.69 -16.12
CA LEU E 174 -16.42 -28.88 -16.12
C LEU E 174 -16.66 -29.30 -14.68
N TYR E 175 -17.94 -29.46 -14.32
CA TYR E 175 -18.34 -29.80 -12.95
C TYR E 175 -19.05 -31.15 -12.97
N TRP E 176 -18.40 -32.17 -12.42
CA TRP E 176 -19.00 -33.50 -12.31
C TRP E 176 -19.75 -33.60 -10.98
N PHE E 177 -20.99 -34.09 -11.04
CA PHE E 177 -21.83 -34.25 -9.87
C PHE E 177 -22.25 -35.72 -9.74
N LEU E 178 -22.95 -36.01 -8.65
CA LEU E 178 -23.47 -37.36 -8.40
C LEU E 178 -24.63 -37.25 -7.43
N GLN E 179 -25.82 -37.62 -7.88
CA GLN E 179 -27.04 -37.51 -7.09
C GLN E 179 -27.61 -38.90 -6.84
N ARG E 180 -27.33 -39.45 -5.66
CA ARG E 180 -27.92 -40.72 -5.28
C ARG E 180 -29.39 -40.52 -4.91
N PRO E 181 -30.22 -41.56 -5.09
CA PRO E 181 -31.64 -41.42 -4.76
C PRO E 181 -31.88 -41.09 -3.28
N GLY E 182 -32.41 -39.90 -3.02
CA GLY E 182 -32.70 -39.49 -1.67
C GLY E 182 -31.88 -38.30 -1.20
N GLN E 183 -30.60 -38.27 -1.57
CA GLN E 183 -29.68 -37.22 -1.15
C GLN E 183 -29.41 -36.25 -2.30
N SER E 184 -29.09 -35.02 -1.95
CA SER E 184 -28.78 -33.99 -2.93
C SER E 184 -27.49 -34.33 -3.69
N PRO E 185 -27.31 -33.76 -4.88
CA PRO E 185 -26.08 -34.03 -5.63
C PRO E 185 -24.83 -33.58 -4.87
N GLN E 186 -23.71 -34.23 -5.17
CA GLN E 186 -22.43 -33.93 -4.54
C GLN E 186 -21.38 -33.69 -5.62
N LEU E 187 -20.55 -32.68 -5.41
CA LEU E 187 -19.51 -32.36 -6.37
C LEU E 187 -18.39 -33.39 -6.30
N LEU E 188 -17.82 -33.70 -7.46
CA LEU E 188 -16.72 -34.67 -7.57
C LEU E 188 -15.41 -34.04 -7.99
N ILE E 189 -15.39 -33.33 -9.12
CA ILE E 189 -14.17 -32.73 -9.64
C ILE E 189 -14.40 -31.23 -9.82
N TYR E 190 -13.31 -30.46 -9.70
CA TYR E 190 -13.40 -29.02 -9.83
C TYR E 190 -13.33 -28.57 -11.28
N ARG E 191 -12.22 -28.89 -11.95
CA ARG E 191 -11.99 -28.46 -13.33
C ARG E 191 -11.42 -29.61 -14.16
N MET E 192 -11.95 -30.82 -13.95
CA MET E 192 -11.58 -32.04 -14.65
C MET E 192 -10.15 -32.50 -14.34
N SER E 193 -9.41 -31.77 -13.50
CA SER E 193 -8.05 -32.16 -13.17
C SER E 193 -7.73 -31.95 -11.69
N ASN E 194 -8.71 -31.57 -10.87
CA ASN E 194 -8.49 -31.35 -9.44
C ASN E 194 -9.70 -31.91 -8.69
N LEU E 195 -9.47 -32.95 -7.88
CA LEU E 195 -10.54 -33.59 -7.15
C LEU E 195 -11.05 -32.68 -6.03
N ALA E 196 -12.27 -32.97 -5.58
CA ALA E 196 -12.90 -32.20 -4.53
C ALA E 196 -12.47 -32.71 -3.16
N SER E 197 -13.04 -32.12 -2.11
CA SER E 197 -12.76 -32.52 -0.74
C SER E 197 -13.84 -33.47 -0.24
N GLY E 198 -13.43 -34.38 0.65
CA GLY E 198 -14.35 -35.35 1.20
C GLY E 198 -14.85 -36.38 0.22
N VAL E 199 -14.11 -36.62 -0.86
CA VAL E 199 -14.50 -37.60 -1.87
C VAL E 199 -13.35 -38.59 -2.06
N PRO E 200 -13.63 -39.85 -2.41
CA PRO E 200 -12.55 -40.81 -2.60
C PRO E 200 -11.72 -40.48 -3.84
N ASP E 201 -10.47 -40.94 -3.82
CA ASP E 201 -9.53 -40.69 -4.92
C ASP E 201 -9.73 -41.63 -6.09
N ARG E 202 -10.74 -42.51 -6.05
CA ARG E 202 -10.95 -43.43 -7.17
C ARG E 202 -11.44 -42.69 -8.41
N PHE E 203 -12.26 -41.66 -8.23
CA PHE E 203 -12.74 -40.88 -9.36
C PHE E 203 -11.62 -40.04 -9.96
N SER E 204 -11.54 -40.02 -11.28
CA SER E 204 -10.56 -39.21 -11.98
C SER E 204 -11.17 -38.68 -13.27
N GLY E 205 -10.72 -37.50 -13.68
CA GLY E 205 -11.22 -36.87 -14.88
C GLY E 205 -10.10 -36.60 -15.86
N SER E 206 -10.41 -36.75 -17.15
CA SER E 206 -9.43 -36.55 -18.20
C SER E 206 -10.17 -36.26 -19.50
N GLY E 207 -9.42 -36.10 -20.59
CA GLY E 207 -9.99 -35.87 -21.90
C GLY E 207 -9.40 -34.62 -22.51
N SER E 208 -10.07 -34.14 -23.56
CA SER E 208 -9.66 -32.96 -24.30
C SER E 208 -10.70 -31.85 -24.10
N GLY E 209 -10.52 -30.75 -24.83
CA GLY E 209 -11.45 -29.64 -24.75
C GLY E 209 -12.84 -29.95 -25.23
N THR E 210 -13.00 -31.04 -25.99
CA THR E 210 -14.30 -31.45 -26.52
C THR E 210 -14.86 -32.68 -25.79
N ALA E 211 -14.08 -33.75 -25.69
CA ALA E 211 -14.51 -34.97 -25.04
C ALA E 211 -14.02 -35.00 -23.59
N PHE E 212 -14.81 -35.62 -22.73
CA PHE E 212 -14.50 -35.73 -21.32
C PHE E 212 -14.72 -37.17 -20.85
N THR E 213 -13.85 -37.63 -19.95
CA THR E 213 -13.92 -38.99 -19.42
C THR E 213 -13.79 -38.95 -17.91
N LEU E 214 -14.71 -39.64 -17.24
CA LEU E 214 -14.71 -39.80 -15.79
C LEU E 214 -14.53 -41.28 -15.49
N THR E 215 -13.38 -41.64 -14.95
CA THR E 215 -13.01 -43.03 -14.72
C THR E 215 -12.93 -43.32 -13.23
N ILE E 216 -13.53 -44.42 -12.81
CA ILE E 216 -13.46 -44.89 -11.42
C ILE E 216 -13.01 -46.34 -11.44
N SER E 217 -12.01 -46.66 -10.62
CA SER E 217 -11.40 -47.99 -10.64
C SER E 217 -12.07 -48.97 -9.70
N ARG E 218 -12.65 -48.49 -8.59
CA ARG E 218 -13.26 -49.36 -7.59
C ARG E 218 -14.69 -48.88 -7.34
N LEU E 219 -15.67 -49.71 -7.73
CA LEU E 219 -17.07 -49.39 -7.54
C LEU E 219 -17.59 -50.01 -6.25
N GLU E 220 -18.35 -49.23 -5.51
CA GLU E 220 -18.97 -49.69 -4.27
C GLU E 220 -20.49 -49.54 -4.36
N ALA E 221 -21.18 -50.11 -3.37
CA ALA E 221 -22.63 -50.04 -3.33
C ALA E 221 -23.15 -48.67 -2.90
N GLU E 222 -22.26 -47.77 -2.48
CA GLU E 222 -22.66 -46.44 -2.04
C GLU E 222 -22.43 -45.36 -3.09
N ASP E 223 -21.36 -45.46 -3.88
CA ASP E 223 -21.03 -44.45 -4.87
C ASP E 223 -21.86 -44.57 -6.14
N VAL E 224 -22.79 -45.52 -6.21
CA VAL E 224 -23.62 -45.67 -7.41
C VAL E 224 -24.64 -44.54 -7.47
N GLY E 225 -25.00 -44.15 -8.69
CA GLY E 225 -25.96 -43.09 -8.87
C GLY E 225 -25.85 -42.51 -10.27
N VAL E 226 -26.50 -41.35 -10.44
CA VAL E 226 -26.50 -40.63 -11.71
C VAL E 226 -25.41 -39.57 -11.66
N TYR E 227 -24.53 -39.59 -12.66
CA TYR E 227 -23.40 -38.66 -12.73
C TYR E 227 -23.78 -37.51 -13.66
N TYR E 228 -24.17 -36.38 -13.08
CA TYR E 228 -24.54 -35.20 -13.85
C TYR E 228 -23.29 -34.40 -14.23
N CYS E 229 -23.48 -33.44 -15.12
CA CYS E 229 -22.39 -32.60 -15.59
C CYS E 229 -22.97 -31.28 -16.06
N MET E 230 -22.09 -30.29 -16.23
CA MET E 230 -22.49 -28.96 -16.67
C MET E 230 -21.26 -28.24 -17.22
N GLN E 231 -21.51 -27.10 -17.85
CA GLN E 231 -20.46 -26.25 -18.40
C GLN E 231 -20.44 -24.92 -17.68
N HIS E 232 -19.27 -24.28 -17.66
CA HIS E 232 -19.09 -23.00 -16.99
C HIS E 232 -18.25 -22.04 -17.82
N LEU E 233 -18.34 -22.15 -19.15
CA LEU E 233 -17.58 -21.26 -20.02
C LEU E 233 -18.29 -19.91 -20.19
N GLU E 234 -19.49 -19.93 -20.74
CA GLU E 234 -20.25 -18.72 -20.97
C GLU E 234 -21.09 -18.36 -19.73
N TYR E 235 -21.78 -17.23 -19.82
CA TYR E 235 -22.63 -16.80 -18.70
C TYR E 235 -23.86 -17.67 -18.55
N PRO E 236 -24.66 -17.95 -19.60
CA PRO E 236 -25.82 -18.84 -19.41
C PRO E 236 -25.41 -20.28 -19.13
N LEU E 237 -25.68 -20.75 -17.93
CA LEU E 237 -25.34 -22.11 -17.55
C LEU E 237 -26.41 -23.09 -18.04
N THR E 238 -25.98 -24.17 -18.68
CA THR E 238 -26.88 -25.18 -19.22
C THR E 238 -26.46 -26.54 -18.69
N PHE E 239 -27.22 -27.07 -17.74
CA PHE E 239 -26.95 -28.39 -17.19
C PHE E 239 -27.21 -29.45 -18.25
N GLY E 240 -26.21 -30.29 -18.50
CA GLY E 240 -26.36 -31.36 -19.47
C GLY E 240 -27.31 -32.44 -18.99
N ALA E 241 -27.56 -33.40 -19.90
CA ALA E 241 -28.46 -34.51 -19.57
C ALA E 241 -27.86 -35.42 -18.50
N GLY E 242 -26.54 -35.56 -18.47
CA GLY E 242 -25.89 -36.38 -17.47
C GLY E 242 -25.89 -37.85 -17.85
N THR E 243 -25.28 -38.65 -16.97
CA THR E 243 -25.19 -40.10 -17.15
C THR E 243 -26.45 -40.73 -16.59
N LYS E 244 -27.54 -40.61 -17.33
CA LYS E 244 -28.83 -41.16 -16.93
C LYS E 244 -28.79 -42.68 -17.09
N LEU E 245 -28.74 -43.40 -15.97
CA LEU E 245 -28.65 -44.86 -15.97
C LEU E 245 -30.07 -45.42 -15.92
N GLU E 246 -30.64 -45.68 -17.11
CA GLU E 246 -31.97 -46.27 -17.18
C GLU E 246 -31.90 -47.76 -16.88
N LEU E 247 -33.06 -48.41 -16.91
CA LEU E 247 -33.19 -49.84 -16.66
C LEU E 247 -32.59 -50.24 -15.32
N THR F 6 26.51 -19.31 38.94
CA THR F 6 26.68 -20.58 38.26
C THR F 6 26.19 -20.50 36.81
N ALA F 7 25.72 -19.31 36.42
CA ALA F 7 25.22 -19.13 35.05
C ALA F 7 26.34 -18.83 34.08
N SER F 8 27.34 -18.06 34.50
CA SER F 8 28.44 -17.72 33.60
C SER F 8 29.29 -18.94 33.26
N ILE F 9 29.55 -19.80 34.24
CA ILE F 9 30.35 -20.99 33.99
C ILE F 9 29.60 -21.95 33.07
N ALA F 10 28.27 -22.07 33.26
CA ALA F 10 27.48 -22.92 32.38
C ALA F 10 27.43 -22.36 30.97
N GLN F 11 27.36 -21.03 30.85
CA GLN F 11 27.38 -20.41 29.51
C GLN F 11 28.72 -20.65 28.83
N ALA F 12 29.82 -20.51 29.55
CA ALA F 12 31.12 -20.78 28.97
C ALA F 12 31.25 -22.25 28.58
N ARG F 13 30.71 -23.16 29.39
CA ARG F 13 30.77 -24.58 29.08
C ARG F 13 29.98 -24.90 27.81
N LYS F 14 28.75 -24.39 27.70
CA LYS F 14 27.97 -24.66 26.51
C LYS F 14 28.57 -23.99 25.28
N LEU F 15 29.22 -22.83 25.46
CA LEU F 15 29.87 -22.17 24.33
C LEU F 15 31.06 -22.98 23.83
N VAL F 16 31.90 -23.47 24.75
CA VAL F 16 33.05 -24.25 24.31
C VAL F 16 32.60 -25.60 23.75
N GLU F 17 31.48 -26.14 24.25
CA GLU F 17 30.95 -27.38 23.67
C GLU F 17 30.44 -27.13 22.25
N GLN F 18 29.75 -26.01 22.03
CA GLN F 18 29.32 -25.66 20.68
C GLN F 18 30.51 -25.47 19.75
N LEU F 19 31.57 -24.82 20.23
CA LEU F 19 32.75 -24.61 19.42
C LEU F 19 33.42 -25.94 19.07
N LYS F 20 33.48 -26.86 20.03
CA LYS F 20 34.06 -28.18 19.75
C LYS F 20 33.22 -28.94 18.74
N MET F 21 31.89 -28.89 18.88
CA MET F 21 31.02 -29.56 17.91
C MET F 21 31.15 -28.96 16.52
N GLU F 22 31.37 -27.64 16.44
CA GLU F 22 31.60 -27.02 15.14
C GLU F 22 32.94 -27.43 14.55
N ALA F 23 33.98 -27.51 15.39
CA ALA F 23 35.29 -27.93 14.92
C ALA F 23 35.35 -29.41 14.57
N ASN F 24 34.38 -30.20 15.06
CA ASN F 24 34.35 -31.62 14.76
C ASN F 24 34.10 -31.90 13.28
N ILE F 25 33.47 -30.97 12.57
CA ILE F 25 33.20 -31.17 11.15
C ILE F 25 34.50 -31.10 10.35
N ASP F 26 34.58 -31.95 9.32
CA ASP F 26 35.76 -32.03 8.45
C ASP F 26 35.50 -31.18 7.21
N ARG F 27 36.08 -29.99 7.18
CA ARG F 27 35.90 -29.09 6.05
C ARG F 27 36.66 -29.60 4.84
N ILE F 28 36.38 -29.01 3.68
CA ILE F 28 37.01 -29.36 2.42
C ILE F 28 37.56 -28.09 1.79
N LYS F 29 38.15 -28.26 0.61
CA LYS F 29 38.74 -27.12 -0.11
C LYS F 29 37.65 -26.24 -0.68
N VAL F 30 37.93 -24.93 -0.71
CA VAL F 30 36.97 -23.97 -1.25
C VAL F 30 36.89 -24.05 -2.77
N SER F 31 37.97 -24.50 -3.42
CA SER F 31 37.96 -24.61 -4.87
C SER F 31 36.95 -25.64 -5.35
N LYS F 32 36.83 -26.76 -4.63
CA LYS F 32 35.84 -27.77 -5.00
C LYS F 32 34.42 -27.24 -4.86
N ALA F 33 34.15 -26.49 -3.80
CA ALA F 33 32.82 -25.90 -3.62
C ALA F 33 32.54 -24.87 -4.71
N ALA F 34 33.54 -24.06 -5.07
CA ALA F 34 33.35 -23.08 -6.13
C ALA F 34 33.08 -23.77 -7.47
N ALA F 35 33.81 -24.85 -7.76
CA ALA F 35 33.57 -25.58 -9.00
C ALA F 35 32.19 -26.23 -9.01
N ASP F 36 31.74 -26.75 -7.86
CA ASP F 36 30.41 -27.33 -7.78
C ASP F 36 29.33 -26.27 -8.01
N LEU F 37 29.50 -25.10 -7.40
CA LEU F 37 28.54 -24.02 -7.61
C LEU F 37 28.52 -23.57 -9.07
N MET F 38 29.70 -23.48 -9.69
CA MET F 38 29.76 -23.10 -11.10
C MET F 38 29.06 -24.13 -11.98
N ALA F 39 29.28 -25.42 -11.71
CA ALA F 39 28.64 -26.46 -12.49
C ALA F 39 27.13 -26.46 -12.29
N TYR F 40 26.68 -26.19 -11.06
CA TYR F 40 25.24 -26.13 -10.80
C TYR F 40 24.60 -24.92 -11.48
N CYS F 41 25.32 -23.80 -11.53
CA CYS F 41 24.79 -22.62 -12.21
C CYS F 41 24.77 -22.81 -13.73
N GLU F 42 25.75 -23.51 -14.27
CA GLU F 42 25.79 -23.75 -15.71
C GLU F 42 24.84 -24.87 -16.15
N ALA F 43 24.48 -25.78 -15.25
CA ALA F 43 23.58 -26.87 -15.62
C ALA F 43 22.16 -26.35 -15.84
N HIS F 44 21.64 -25.57 -14.89
CA HIS F 44 20.30 -25.01 -14.98
C HIS F 44 20.27 -23.62 -15.61
N ALA F 45 21.24 -23.32 -16.48
CA ALA F 45 21.29 -22.00 -17.11
C ALA F 45 20.13 -21.80 -18.05
N LYS F 46 19.93 -22.74 -18.99
CA LYS F 46 18.84 -22.62 -19.95
C LYS F 46 17.48 -22.80 -19.31
N GLU F 47 17.40 -23.47 -18.16
CA GLU F 47 16.13 -23.69 -17.49
C GLU F 47 15.64 -22.46 -16.73
N ASP F 48 16.53 -21.53 -16.38
CA ASP F 48 16.16 -20.35 -15.61
C ASP F 48 15.67 -19.26 -16.55
N PRO F 49 14.41 -18.85 -16.50
CA PRO F 49 13.95 -17.77 -17.39
C PRO F 49 14.56 -16.42 -17.08
N LEU F 50 15.02 -16.20 -15.85
CA LEU F 50 15.63 -14.91 -15.51
C LEU F 50 16.97 -14.74 -16.19
N LEU F 51 17.75 -15.82 -16.32
CA LEU F 51 19.05 -15.73 -16.98
C LEU F 51 18.88 -15.62 -18.49
N THR F 52 17.91 -16.33 -19.06
CA THR F 52 17.63 -16.30 -20.50
C THR F 52 16.18 -15.88 -20.69
N PRO F 53 15.93 -14.60 -20.96
CA PRO F 53 14.55 -14.13 -21.13
C PRO F 53 13.87 -14.80 -22.31
N VAL F 54 12.83 -15.57 -22.02
CA VAL F 54 12.06 -16.27 -23.04
C VAL F 54 11.05 -15.30 -23.66
N PRO F 55 10.64 -15.49 -24.91
CA PRO F 55 9.66 -14.60 -25.51
C PRO F 55 8.31 -14.69 -24.81
N ALA F 56 7.44 -13.73 -25.13
CA ALA F 56 6.13 -13.68 -24.51
C ALA F 56 5.23 -14.84 -24.94
N SER F 57 5.52 -15.48 -26.07
CA SER F 57 4.71 -16.60 -26.52
C SER F 57 4.96 -17.84 -25.67
N GLU F 58 6.18 -18.00 -25.15
CA GLU F 58 6.54 -19.15 -24.32
C GLU F 58 6.47 -18.82 -22.82
N ASN F 59 5.75 -17.77 -22.45
CA ASN F 59 5.64 -17.37 -21.05
C ASN F 59 4.67 -18.30 -20.31
C1 CLR G . -16.61 52.45 -12.73
C2 CLR G . -16.92 53.63 -13.76
C3 CLR G . -18.45 53.83 -13.96
C4 CLR G . -19.16 54.05 -12.64
C5 CLR G . -18.87 52.88 -11.61
C6 CLR G . -19.56 51.76 -12.01
C7 CLR G . -19.34 50.53 -11.06
C8 CLR G . -18.22 50.82 -9.94
C9 CLR G . -17.02 51.25 -10.49
C10 CLR G . -17.34 52.63 -11.42
C11 CLR G . -15.98 51.48 -9.47
C12 CLR G . -15.85 50.21 -8.30
C13 CLR G . -16.96 49.90 -7.82
C14 CLR G . -17.97 49.54 -8.99
C15 CLR G . -19.01 49.23 -8.43
C16 CLR G . -18.64 48.75 -7.44
C17 CLR G . -17.01 49.18 -7.32
C18 CLR G . -17.52 51.19 -7.11
C19 CLR G . -16.72 53.86 -10.68
C20 CLR G . -16.48 49.33 -5.57
C21 CLR G . -15.20 48.74 -5.38
C22 CLR G . -17.41 48.66 -4.70
C23 CLR G . -17.63 49.44 -3.34
C24 CLR G . -19.11 49.34 -2.83
C25 CLR G . -20.02 50.47 -3.46
C26 CLR G . -21.56 50.22 -3.10
C27 CLR G . -19.57 51.89 -3.00
O1 CLR G . -18.66 54.95 -14.79
C1 CLR H . -29.51 41.94 -22.77
C2 CLR H . -30.87 42.48 -23.41
C3 CLR H . -31.22 41.73 -24.72
C4 CLR H . -31.25 40.23 -24.52
C5 CLR H . -29.89 39.68 -23.90
C6 CLR H . -28.92 39.74 -24.89
C7 CLR H . -27.52 39.25 -24.39
C8 CLR H . -27.47 38.97 -22.80
C9 CLR H . -27.95 40.02 -22.05
C10 CLR H . -29.49 40.44 -22.60
C11 CLR H . -27.90 39.73 -20.60
C12 CLR H . -26.38 39.12 -20.07
C13 CLR H . -25.98 38.16 -20.77
C14 CLR H . -25.99 38.58 -22.31
C15 CLR H . -25.60 37.59 -22.90
C16 CLR H . -24.82 37.12 -22.16
C17 CLR H . -25.16 37.89 -20.69
C18 CLR H . -27.04 36.99 -20.59
C19 CLR H . -30.52 40.07 -21.48
C20 CLR H . -24.77 36.78 -19.26
C21 CLR H . -24.21 37.53 -18.20
C22 CLR H . -23.85 35.74 -19.71
C23 CLR H . -22.88 35.19 -18.57
C24 CLR H . -21.39 35.38 -18.93
C25 CLR H . -20.58 36.12 -17.77
C26 CLR H . -20.75 35.35 -16.38
C27 CLR H . -19.08 36.29 -18.14
O1 CLR H . -32.49 42.15 -25.17
C1 CLR I . -17.24 31.86 -8.52
C2 CLR I . -18.30 32.56 -9.47
C3 CLR I . -18.95 31.55 -10.46
C4 CLR I . -19.56 30.37 -9.73
C5 CLR I . -18.51 29.65 -8.78
C6 CLR I . -17.61 28.96 -9.56
C7 CLR I . -16.49 28.24 -8.73
C8 CLR I . -16.57 28.59 -7.16
C9 CLR I . -16.57 29.94 -6.92
C10 CLR I . -17.81 30.65 -7.80
C11 CLR I . -16.62 30.25 -5.47
C12 CLR I . -15.53 29.33 -4.51
C13 CLR I . -15.59 28.10 -4.77
C14 CLR I . -15.40 27.87 -6.32
C15 CLR I . -15.48 26.66 -6.46
C16 CLR I . -15.00 26.24 -5.49
C17 CLR I . -14.98 27.58 -4.44
C18 CLR I . -17.07 27.63 -4.39
C19 CLR I . -18.89 31.17 -6.78
C20 CLR I . -15.15 27.03 -2.69
C21 CLR I . -14.32 27.79 -1.85
C22 CLR I . -14.77 25.65 -2.57
C23 CLR I . -15.74 24.82 -1.62
C24 CLR I . -15.15 24.64 -0.19
C25 CLR I . -14.07 23.47 -0.14
C26 CLR I . -13.26 23.52 1.23
C27 CLR I . -14.74 22.08 -0.35
O1 CLR I . -19.96 32.21 -11.18
#